data_7VXN
#
_entry.id   7VXN
#
_cell.length_a   1.00
_cell.length_b   1.00
_cell.length_c   1.00
_cell.angle_alpha   90.00
_cell.angle_beta   90.00
_cell.angle_gamma   90.00
#
_symmetry.space_group_name_H-M   'P 1'
#
loop_
_entity.id
_entity.type
_entity.pdbx_description
1 polymer 'Capsid protein VP1'
2 polymer 'Capsid protein VP2'
3 polymer 'Capsid protein VP3'
#
loop_
_entity_poly.entity_id
_entity_poly.type
_entity_poly.pdbx_seq_one_letter_code
_entity_poly.pdbx_strand_id
1 'polypeptide(L)'
;GPVEDAITAAIGRVADTVGTGPTNSEAIPALTAAETGHTSQVVPGDTMQTRHVKNYHSRSESTIENFLCRSACVYFTEYE
NSGAKRYAEWVLTPRQAAQLRRKLEFFTYVRFDLELTFVITSTQQPSTTQNQDAQILTHQIMYVPPGGPVPDKVDSYVWQ
TSTNPSVFWTEGNAPPRMSIPFLSIGNAYSNFYDGWSEFSRNGVYGINTLNNMGTLYARHVNAGSTGPIKSTIRIYFKPK
HVKAWIPRPPRLCQYEKAKNVNFQPSGVTTTRQSITTMTNTGAF
;
A
2 'polypeptide(L)'
;SPTVEECGYSDRARSITLGNSTITTQECANVVVGYGVWPDYLKDSEATAEDQPTQPDVATCRFYTLDSVQWQKTSPGWWW
KLPDALSNLGLFGQNMQYHYLGRTGYTVHVQCNASKFHQGCLLVVCVPEAEMGCATLDNTPSSAELLGGDSAKEFADKPV
ASGSNKLVQRVVYNAGMGVGVGNLTIFPHQWINLRTNNSATIVMPYTNSVPMDNMFRHNNVTLMVIPFVPLDYCPGSTTY
VPITVTIAPMCAEYNGLRLAGHQ
;
B
3 'polypeptide(L)'
;GLPTMNTPGSCQFLTSDDFQSPSAMPQYDVTPEMRIPGEVKNLMEIAEVDSVVPVQNVGEKVNSMEAYQIPVRSNEGSGT
QVFGFPLQPGYSSVFSRTLLGEILNYYTHWSGSIKLTFMFCGSAMATGKFLLAYSPPGAGAPTKRVDAMLGTHVVWDVGL
QSSCVLCIPWISQTHYRYVTSDEYTAGGFITCWYQTNIVVPADAQSSCYIMCFVSACNDFSVRLLKDTPFISQQNFFQ
;
C
#
# COMPACT_ATOMS: atom_id res chain seq x y z
N SER A 60 -17.19 -9.82 -10.71
CA SER A 60 -17.07 -10.22 -12.11
C SER A 60 -16.42 -9.12 -12.94
N GLU A 61 -16.47 -7.90 -12.42
CA GLU A 61 -15.85 -6.75 -13.06
C GLU A 61 -14.62 -6.25 -12.32
N SER A 62 -14.51 -6.53 -11.03
CA SER A 62 -13.44 -5.98 -10.21
C SER A 62 -12.18 -6.83 -10.22
N THR A 63 -12.03 -7.75 -11.16
CA THR A 63 -10.81 -8.54 -11.24
C THR A 63 -9.63 -7.64 -11.57
N ILE A 64 -8.42 -8.10 -11.22
CA ILE A 64 -7.24 -7.26 -11.45
C ILE A 64 -7.01 -7.05 -12.93
N GLU A 65 -7.47 -7.99 -13.76
CA GLU A 65 -7.36 -7.80 -15.21
C GLU A 65 -8.13 -6.58 -15.66
N ASN A 66 -9.46 -6.61 -15.45
CA ASN A 66 -10.36 -5.50 -15.86
C ASN A 66 -10.02 -4.21 -15.10
N PHE A 67 -9.21 -4.30 -14.04
CA PHE A 67 -8.88 -3.11 -13.23
C PHE A 67 -7.53 -2.54 -13.68
N LEU A 68 -6.71 -3.35 -14.35
CA LEU A 68 -5.37 -2.93 -14.75
C LEU A 68 -5.08 -3.23 -16.22
N CYS A 69 -6.08 -3.10 -17.08
CA CYS A 69 -5.89 -3.35 -18.50
C CYS A 69 -6.55 -2.25 -19.32
N ARG A 70 -6.27 -1.00 -18.96
CA ARG A 70 -6.84 0.15 -19.64
C ARG A 70 -5.72 0.92 -20.33
N SER A 71 -5.94 1.29 -21.59
CA SER A 71 -4.94 2.04 -22.34
C SER A 71 -4.82 3.44 -21.76
N ALA A 72 -3.64 3.78 -21.25
CA ALA A 72 -3.41 5.04 -20.60
C ALA A 72 -2.22 5.74 -21.24
N CYS A 73 -2.43 6.97 -21.70
CA CYS A 73 -1.34 7.76 -22.25
C CYS A 73 -0.32 8.03 -21.15
N VAL A 74 0.96 7.92 -21.48
CA VAL A 74 2.00 8.04 -20.47
C VAL A 74 3.05 9.07 -20.87
N TYR A 75 3.05 9.51 -22.13
CA TYR A 75 4.08 10.46 -22.55
C TYR A 75 3.56 11.46 -23.57
N PHE A 76 4.22 12.61 -23.60
CA PHE A 76 3.98 13.69 -24.53
C PHE A 76 5.33 14.28 -24.92
N THR A 77 5.59 14.41 -26.21
CA THR A 77 6.81 15.07 -26.66
C THR A 77 6.68 15.44 -28.13
N GLU A 78 7.66 16.21 -28.60
CA GLU A 78 7.65 16.72 -29.95
C GLU A 78 9.05 16.68 -30.54
N TYR A 79 9.14 16.40 -31.83
CA TYR A 79 10.45 16.40 -32.54
C TYR A 79 10.23 17.06 -33.90
N GLU A 80 11.21 17.83 -34.39
CA GLU A 80 10.99 18.61 -35.65
C GLU A 80 11.86 18.04 -36.78
N ASN A 81 11.40 18.16 -38.02
CA ASN A 81 12.20 17.68 -39.17
C ASN A 81 13.52 18.46 -39.19
N SER A 82 13.46 19.77 -38.94
CA SER A 82 14.69 20.59 -38.85
C SER A 82 14.61 21.42 -37.56
N GLY A 83 15.67 21.48 -36.76
CA GLY A 83 15.61 22.35 -35.57
C GLY A 83 16.48 21.88 -34.42
N ALA A 84 16.39 22.57 -33.28
CA ALA A 84 17.21 22.21 -32.10
C ALA A 84 16.87 20.82 -31.59
N LYS A 85 15.57 20.48 -31.54
CA LYS A 85 15.17 19.12 -31.12
C LYS A 85 14.73 18.33 -32.36
N ARG A 86 15.38 17.22 -32.65
CA ARG A 86 15.06 16.46 -33.88
C ARG A 86 14.76 14.99 -33.54
N TYR A 87 14.74 14.64 -32.25
CA TYR A 87 14.37 13.28 -31.91
C TYR A 87 13.84 13.22 -30.49
N ALA A 88 13.02 12.22 -30.22
CA ALA A 88 12.39 12.03 -28.92
C ALA A 88 13.04 10.88 -28.21
N GLU A 89 12.97 10.89 -26.88
CA GLU A 89 13.58 9.85 -26.06
C GLU A 89 12.84 9.80 -24.73
N TRP A 90 12.46 8.59 -24.31
CA TRP A 90 11.72 8.42 -23.03
C TRP A 90 11.99 7.01 -22.48
N VAL A 91 12.68 6.91 -21.34
CA VAL A 91 12.93 5.59 -20.70
C VAL A 91 11.59 5.02 -20.28
N LEU A 92 11.29 3.77 -20.65
CA LEU A 92 9.95 3.21 -20.36
C LEU A 92 9.79 3.13 -18.83
N THR A 93 8.74 3.74 -18.30
CA THR A 93 8.45 3.67 -16.84
C THR A 93 6.94 3.83 -16.64
N PRO A 94 6.31 3.13 -15.66
CA PRO A 94 4.89 3.36 -15.39
C PRO A 94 4.76 4.32 -14.20
N ARG A 95 5.76 5.17 -13.95
CA ARG A 95 5.73 6.05 -12.75
C ARG A 95 5.33 7.48 -13.12
N GLN A 96 5.44 7.86 -14.40
CA GLN A 96 5.15 9.23 -14.76
C GLN A 96 3.67 9.55 -14.60
N ALA A 97 2.82 8.70 -15.16
CA ALA A 97 1.38 8.90 -15.08
C ALA A 97 0.89 8.55 -13.68
N ALA A 98 0.41 9.57 -12.95
CA ALA A 98 -0.04 9.32 -11.59
C ALA A 98 -1.26 8.41 -11.55
N GLN A 99 -2.14 8.51 -12.54
CA GLN A 99 -3.35 7.70 -12.55
C GLN A 99 -3.02 6.22 -12.59
N LEU A 100 -2.02 5.84 -13.39
CA LEU A 100 -1.58 4.46 -13.46
C LEU A 100 -0.65 4.08 -12.32
N ARG A 101 0.18 5.03 -11.88
CA ARG A 101 1.14 4.78 -10.77
C ARG A 101 0.37 4.43 -9.50
N ARG A 102 -0.70 5.18 -9.19
CA ARG A 102 -1.46 4.97 -7.97
C ARG A 102 -2.25 3.66 -8.04
N LYS A 103 -2.63 3.25 -9.25
CA LYS A 103 -3.36 1.96 -9.42
C LYS A 103 -2.37 0.81 -9.25
N LEU A 104 -1.14 0.96 -9.74
CA LEU A 104 -0.15 -0.09 -9.61
C LEU A 104 0.40 -0.20 -8.20
N GLU A 105 0.39 0.89 -7.45
CA GLU A 105 0.89 0.84 -6.07
C GLU A 105 -0.10 0.21 -5.10
N PHE A 106 -1.11 -0.51 -5.59
CA PHE A 106 -1.94 -1.31 -4.72
C PHE A 106 -1.25 -2.61 -4.32
N PHE A 107 -0.35 -3.11 -5.15
CA PHE A 107 0.27 -4.42 -4.95
C PHE A 107 1.78 -4.26 -4.88
N THR A 108 2.44 -5.15 -4.14
CA THR A 108 3.92 -5.05 -3.96
C THR A 108 4.62 -5.60 -5.21
N TYR A 109 4.29 -6.83 -5.60
CA TYR A 109 4.95 -7.46 -6.78
C TYR A 109 3.94 -7.58 -7.92
N VAL A 110 4.30 -7.10 -9.11
CA VAL A 110 3.37 -7.14 -10.28
C VAL A 110 4.16 -7.62 -11.50
N ARG A 111 3.54 -8.47 -12.33
CA ARG A 111 4.20 -8.95 -13.58
C ARG A 111 3.19 -8.80 -14.73
N PHE A 112 3.62 -8.30 -15.89
CA PHE A 112 2.72 -8.04 -17.01
C PHE A 112 3.51 -7.90 -18.30
N ASP A 113 2.75 -7.96 -19.39
CA ASP A 113 3.23 -7.71 -20.77
C ASP A 113 2.76 -6.31 -21.18
N LEU A 114 3.27 -5.79 -22.29
CA LEU A 114 2.91 -4.46 -22.73
C LEU A 114 2.34 -4.51 -24.13
N GLU A 115 1.63 -3.43 -24.50
CA GLU A 115 1.16 -3.24 -25.87
C GLU A 115 1.33 -1.76 -26.19
N LEU A 116 2.49 -1.40 -26.68
CA LEU A 116 2.78 0.01 -26.97
C LEU A 116 2.10 0.41 -28.25
N THR A 117 1.28 1.45 -28.19
CA THR A 117 0.62 2.00 -29.36
C THR A 117 0.84 3.50 -29.39
N PHE A 118 1.42 3.99 -30.47
CA PHE A 118 1.79 5.39 -30.60
C PHE A 118 0.79 6.11 -31.50
N VAL A 119 0.73 7.42 -31.37
CA VAL A 119 -0.12 8.27 -32.20
C VAL A 119 0.72 9.45 -32.64
N ILE A 120 1.16 9.45 -33.89
CA ILE A 120 2.09 10.44 -34.41
C ILE A 120 1.34 11.36 -35.35
N THR A 121 1.29 12.65 -34.98
CA THR A 121 0.59 13.67 -35.80
C THR A 121 1.59 14.76 -36.17
N SER A 122 1.46 15.34 -37.37
CA SER A 122 2.38 16.36 -37.87
C SER A 122 1.60 17.62 -38.18
N THR A 123 2.21 18.77 -37.85
CA THR A 123 1.61 20.10 -38.11
C THR A 123 2.68 20.96 -38.79
N GLN A 124 2.26 21.87 -39.68
CA GLN A 124 3.18 22.75 -40.38
C GLN A 124 3.53 23.92 -39.45
N GLN A 125 4.64 24.60 -39.75
CA GLN A 125 5.15 25.63 -38.86
C GLN A 125 5.10 27.00 -39.52
N PRO A 126 5.14 28.07 -38.71
CA PRO A 126 5.11 29.42 -39.28
C PRO A 126 6.44 29.86 -39.88
N SER A 127 6.66 29.49 -41.15
CA SER A 127 7.93 29.85 -41.83
C SER A 127 7.65 30.79 -43.01
N THR A 128 8.69 31.49 -43.45
CA THR A 128 8.61 32.41 -44.57
C THR A 128 9.34 31.88 -45.81
N THR A 129 9.37 30.57 -45.99
CA THR A 129 9.86 30.00 -47.24
C THR A 129 8.71 29.76 -48.20
N GLN A 130 8.96 29.97 -49.49
CA GLN A 130 7.85 29.88 -50.47
C GLN A 130 8.01 28.61 -51.29
N ASN A 131 7.02 28.31 -52.15
CA ASN A 131 7.12 27.13 -53.06
C ASN A 131 7.37 25.88 -52.21
N GLN A 132 6.67 25.72 -51.09
CA GLN A 132 6.82 24.50 -50.28
C GLN A 132 5.98 23.39 -50.90
N ASP A 133 6.61 22.25 -51.25
CA ASP A 133 5.87 21.07 -51.77
C ASP A 133 6.12 19.91 -50.81
N ALA A 134 5.09 19.45 -50.10
CA ALA A 134 5.28 18.40 -49.07
C ALA A 134 5.27 17.00 -49.68
N GLN A 135 6.02 16.07 -49.09
CA GLN A 135 6.04 14.65 -49.54
C GLN A 135 5.61 13.83 -48.33
N ILE A 136 5.10 12.62 -48.53
CA ILE A 136 4.57 11.84 -47.35
C ILE A 136 5.70 11.63 -46.33
N LEU A 137 5.41 11.80 -45.04
CA LEU A 137 6.47 11.70 -44.00
C LEU A 137 6.57 10.26 -43.48
N THR A 138 7.77 9.81 -43.12
CA THR A 138 7.99 8.49 -42.57
C THR A 138 8.68 8.62 -41.24
N HIS A 139 8.13 7.99 -40.21
CA HIS A 139 8.66 8.07 -38.86
C HIS A 139 9.21 6.71 -38.45
N GLN A 140 10.31 6.71 -37.71
CA GLN A 140 10.95 5.50 -37.22
C GLN A 140 10.94 5.54 -35.70
N ILE A 141 10.60 4.41 -35.08
CA ILE A 141 10.51 4.32 -33.62
C ILE A 141 11.38 3.16 -33.19
N MET A 142 12.54 3.46 -32.61
CA MET A 142 13.52 2.46 -32.23
C MET A 142 13.36 2.12 -30.77
N TYR A 143 13.03 0.85 -30.49
CA TYR A 143 12.90 0.41 -29.08
C TYR A 143 14.26 -0.11 -28.62
N VAL A 144 14.78 0.46 -27.53
CA VAL A 144 16.13 0.04 -27.03
C VAL A 144 15.92 -0.98 -25.91
N PRO A 145 16.42 -2.23 -26.05
CA PRO A 145 16.35 -3.22 -24.97
C PRO A 145 17.31 -2.80 -23.87
N PRO A 146 17.11 -3.20 -22.59
CA PRO A 146 17.98 -2.75 -21.51
C PRO A 146 19.44 -3.08 -21.82
N GLY A 147 20.36 -2.13 -21.62
CA GLY A 147 21.78 -2.35 -21.95
C GLY A 147 22.07 -2.15 -23.43
N GLY A 148 21.11 -1.61 -24.18
CA GLY A 148 21.29 -1.41 -25.63
C GLY A 148 22.02 -0.12 -25.98
N PRO A 149 22.68 0.05 -27.17
CA PRO A 149 23.32 1.34 -27.47
C PRO A 149 22.23 2.42 -27.65
N VAL A 150 22.49 3.64 -27.19
CA VAL A 150 21.48 4.74 -27.31
C VAL A 150 22.02 5.80 -28.27
N PRO A 151 21.26 6.19 -29.31
CA PRO A 151 21.71 7.19 -30.28
C PRO A 151 22.04 8.54 -29.60
N ASP A 152 23.31 8.93 -29.67
CA ASP A 152 23.77 10.22 -29.09
C ASP A 152 23.20 11.37 -29.93
N LYS A 153 22.99 11.12 -31.24
CA LYS A 153 22.49 12.15 -32.14
C LYS A 153 21.39 11.57 -33.00
N VAL A 154 20.88 12.39 -33.94
CA VAL A 154 19.75 11.97 -34.81
C VAL A 154 20.25 11.10 -35.98
N ASP A 155 21.36 11.48 -36.61
CA ASP A 155 21.85 10.77 -37.78
C ASP A 155 22.98 9.81 -37.41
N SER A 156 22.91 9.30 -36.18
CA SER A 156 23.96 8.39 -35.67
C SER A 156 23.87 7.03 -36.37
N TYR A 157 24.83 6.16 -36.08
CA TYR A 157 24.86 4.83 -36.69
C TYR A 157 24.03 3.81 -35.94
N VAL A 158 23.73 4.11 -34.67
CA VAL A 158 22.96 3.19 -33.77
C VAL A 158 21.55 2.95 -34.32
N TRP A 159 21.05 3.84 -35.17
CA TRP A 159 19.72 3.65 -35.73
C TRP A 159 19.66 2.49 -36.70
N GLN A 160 20.78 1.79 -36.87
CA GLN A 160 20.84 0.69 -37.87
C GLN A 160 21.12 -0.67 -37.22
N THR A 161 21.32 -0.70 -35.90
CA THR A 161 21.59 -1.98 -35.18
C THR A 161 20.38 -2.92 -35.34
N SER A 162 20.61 -4.16 -35.80
CA SER A 162 19.50 -5.12 -36.06
C SER A 162 18.88 -5.61 -34.75
N THR A 163 19.44 -5.23 -33.60
CA THR A 163 18.91 -5.67 -32.32
C THR A 163 17.70 -4.83 -31.91
N ASN A 164 17.86 -3.52 -31.91
CA ASN A 164 16.75 -2.64 -31.56
C ASN A 164 15.64 -2.76 -32.60
N PRO A 165 14.48 -3.25 -32.24
CA PRO A 165 13.42 -3.49 -33.23
C PRO A 165 12.65 -2.25 -33.62
N SER A 166 13.16 -1.46 -34.56
CA SER A 166 12.47 -0.24 -34.95
C SER A 166 11.34 -0.54 -35.93
N VAL A 167 10.24 0.21 -35.77
CA VAL A 167 9.05 0.03 -36.66
C VAL A 167 8.90 1.29 -37.52
N PHE A 168 8.89 1.11 -38.84
CA PHE A 168 8.74 2.22 -39.77
C PHE A 168 7.27 2.45 -40.08
N TRP A 169 6.87 3.71 -40.19
CA TRP A 169 5.48 4.09 -40.37
C TRP A 169 5.38 5.26 -41.32
N THR A 170 4.42 5.21 -42.22
CA THR A 170 4.16 6.29 -43.16
C THR A 170 2.84 6.96 -42.82
N GLU A 171 2.86 8.29 -42.77
CA GLU A 171 1.71 9.05 -42.31
C GLU A 171 0.46 8.70 -43.11
N GLY A 172 -0.67 8.58 -42.41
CA GLY A 172 -1.94 8.34 -43.08
C GLY A 172 -2.33 6.88 -43.10
N ASN A 173 -1.92 6.12 -42.10
CA ASN A 173 -2.26 4.71 -41.99
C ASN A 173 -2.72 4.44 -40.56
N ALA A 174 -2.97 3.18 -40.25
CA ALA A 174 -3.39 2.83 -38.91
C ALA A 174 -2.20 2.93 -37.96
N PRO A 175 -2.36 3.58 -36.79
CA PRO A 175 -1.21 3.91 -35.95
C PRO A 175 -0.41 2.68 -35.56
N PRO A 176 0.91 2.80 -35.52
CA PRO A 176 1.75 1.61 -35.31
C PRO A 176 1.72 1.12 -33.88
N ARG A 177 1.72 -0.21 -33.72
CA ARG A 177 1.63 -0.83 -32.38
C ARG A 177 2.56 -2.04 -32.27
N MET A 178 3.29 -2.18 -31.16
CA MET A 178 4.12 -3.34 -30.94
C MET A 178 4.04 -3.73 -29.47
N SER A 179 4.33 -4.99 -29.18
CA SER A 179 4.25 -5.53 -27.83
C SER A 179 5.63 -5.90 -27.31
N ILE A 180 5.72 -5.91 -25.97
CA ILE A 180 7.00 -6.21 -25.28
C ILE A 180 6.71 -7.32 -24.24
N PRO A 181 7.48 -8.43 -24.13
CA PRO A 181 7.24 -9.44 -23.09
C PRO A 181 7.79 -9.00 -21.74
N PHE A 182 7.75 -9.93 -20.78
CA PHE A 182 8.33 -9.64 -19.44
C PHE A 182 9.86 -9.69 -19.58
N LEU A 183 10.53 -8.55 -19.43
CA LEU A 183 12.01 -8.51 -19.66
C LEU A 183 12.80 -8.63 -18.35
N SER A 184 12.12 -8.56 -17.19
CA SER A 184 12.86 -8.56 -15.89
C SER A 184 13.65 -9.86 -15.70
N ILE A 185 14.90 -9.76 -15.24
CA ILE A 185 15.72 -10.98 -14.94
C ILE A 185 15.09 -11.66 -13.72
N GLY A 186 14.62 -10.88 -12.75
CA GLY A 186 13.91 -11.44 -11.61
C GLY A 186 12.57 -12.00 -12.00
N ASN A 187 11.83 -12.48 -11.00
CA ASN A 187 10.57 -13.16 -11.29
C ASN A 187 9.35 -12.26 -11.20
N ALA A 188 9.54 -10.97 -10.94
CA ALA A 188 8.42 -10.04 -10.88
C ALA A 188 8.95 -8.61 -10.77
N TYR A 189 8.24 -7.68 -11.40
CA TYR A 189 8.53 -6.27 -11.19
C TYR A 189 8.14 -5.90 -9.77
N SER A 190 9.03 -5.21 -9.07
CA SER A 190 8.81 -4.86 -7.67
C SER A 190 8.57 -3.37 -7.59
N ASN A 191 7.35 -2.99 -7.17
CA ASN A 191 7.04 -1.57 -7.04
C ASN A 191 7.79 -0.94 -5.89
N PHE A 192 7.80 -1.61 -4.73
CA PHE A 192 8.41 -1.08 -3.53
C PHE A 192 9.62 -1.94 -3.15
N TYR A 193 10.80 -1.32 -3.23
CA TYR A 193 12.06 -2.00 -2.83
C TYR A 193 12.51 -1.34 -1.53
N ASP A 194 12.98 -2.12 -0.55
CA ASP A 194 13.34 -1.60 0.76
C ASP A 194 14.84 -1.74 0.99
N GLY A 195 15.65 -1.42 -0.01
CA GLY A 195 17.07 -1.60 0.14
C GLY A 195 17.91 -0.70 -0.72
N TRP A 196 19.19 -1.04 -0.87
CA TRP A 196 20.11 -0.21 -1.69
C TRP A 196 20.50 -1.02 -2.93
N SER A 197 20.46 -0.40 -4.12
CA SER A 197 20.71 -1.16 -5.36
C SER A 197 22.13 -1.74 -5.32
N GLU A 198 23.12 -0.94 -4.88
CA GLU A 198 24.55 -1.39 -4.88
C GLU A 198 24.74 -2.51 -3.84
N PHE A 199 25.46 -3.57 -4.20
CA PHE A 199 25.67 -4.74 -3.30
C PHE A 199 26.40 -4.32 -2.02
N SER A 200 27.39 -3.43 -2.14
CA SER A 200 28.20 -3.01 -0.96
C SER A 200 27.57 -1.76 -0.32
N ARG A 201 26.39 -1.35 -0.78
CA ARG A 201 25.70 -0.13 -0.28
C ARG A 201 26.38 1.10 -0.88
N ASN A 202 26.22 2.30 -0.32
CA ASN A 202 26.77 3.53 -0.97
C ASN A 202 26.07 3.69 -2.33
N GLY A 203 24.82 3.24 -2.41
CA GLY A 203 23.99 3.29 -3.63
C GLY A 203 22.63 3.87 -3.27
N VAL A 204 21.86 4.33 -4.26
CA VAL A 204 20.57 5.01 -3.94
C VAL A 204 19.61 4.04 -3.24
N TYR A 205 18.72 4.55 -2.39
CA TYR A 205 17.75 3.70 -1.65
C TYR A 205 16.53 3.40 -2.53
N GLY A 206 16.02 2.17 -2.49
CA GLY A 206 14.81 1.79 -3.25
C GLY A 206 14.90 2.02 -4.75
N ILE A 207 16.04 1.67 -5.38
CA ILE A 207 16.22 1.93 -6.84
C ILE A 207 16.68 0.66 -7.56
N ASN A 208 16.10 -0.50 -7.23
CA ASN A 208 16.58 -1.77 -7.83
C ASN A 208 16.49 -1.69 -9.36
N THR A 209 17.52 -2.16 -10.07
CA THR A 209 17.54 -2.05 -11.55
C THR A 209 16.77 -3.20 -12.19
N LEU A 210 16.14 -4.04 -11.37
CA LEU A 210 15.41 -5.23 -11.90
C LEU A 210 14.17 -4.78 -12.69
N ASN A 211 13.66 -3.58 -12.41
CA ASN A 211 12.41 -3.11 -13.08
C ASN A 211 12.70 -2.43 -14.43
N ASN A 212 13.96 -2.37 -14.87
CA ASN A 212 14.28 -1.63 -16.12
C ASN A 212 13.50 -2.23 -17.29
N MET A 213 12.92 -1.38 -18.15
CA MET A 213 12.08 -1.86 -19.28
C MET A 213 12.59 -1.31 -20.61
N GLY A 214 13.75 -0.65 -20.62
CA GLY A 214 14.35 -0.15 -21.88
C GLY A 214 13.97 1.28 -22.19
N THR A 215 14.43 1.81 -23.34
CA THR A 215 14.16 3.22 -23.72
C THR A 215 13.47 3.23 -25.08
N LEU A 216 12.83 4.36 -25.44
CA LEU A 216 12.15 4.48 -26.76
C LEU A 216 12.68 5.72 -27.49
N TYR A 217 13.04 5.58 -28.77
CA TYR A 217 13.56 6.72 -29.57
C TYR A 217 12.73 6.87 -30.85
N ALA A 218 12.46 8.10 -31.28
CA ALA A 218 11.63 8.34 -32.49
C ALA A 218 12.21 9.49 -33.31
N ARG A 219 12.15 9.39 -34.65
CA ARG A 219 12.75 10.44 -35.52
C ARG A 219 12.03 10.49 -36.87
N HIS A 220 12.31 11.50 -37.69
CA HIS A 220 11.73 11.58 -39.05
C HIS A 220 12.73 10.98 -40.03
N VAL A 221 12.39 9.85 -40.66
CA VAL A 221 13.39 9.20 -41.55
C VAL A 221 13.71 10.16 -42.69
N ASN A 222 12.69 10.79 -43.27
CA ASN A 222 12.89 11.69 -44.43
C ASN A 222 12.28 13.06 -44.13
N ALA A 223 13.00 14.15 -44.39
CA ALA A 223 12.37 15.47 -44.23
C ALA A 223 11.33 15.60 -45.35
N GLY A 224 10.10 16.00 -45.03
CA GLY A 224 9.02 16.07 -46.04
C GLY A 224 9.21 17.20 -47.04
N SER A 225 9.32 18.44 -46.55
CA SER A 225 9.43 19.60 -47.47
C SER A 225 10.50 20.58 -46.99
N THR A 226 10.89 21.54 -47.84
CA THR A 226 11.86 22.58 -47.42
C THR A 226 11.31 23.28 -46.17
N GLY A 227 10.00 23.54 -46.14
CA GLY A 227 9.37 24.23 -44.99
C GLY A 227 9.37 23.39 -43.73
N PRO A 228 9.50 24.00 -42.53
CA PRO A 228 9.58 23.26 -41.27
C PRO A 228 8.32 22.50 -40.83
N ILE A 229 8.50 21.30 -40.28
CA ILE A 229 7.36 20.45 -39.81
C ILE A 229 7.67 19.95 -38.40
N LYS A 230 6.71 20.07 -37.47
CA LYS A 230 6.89 19.62 -36.09
C LYS A 230 5.85 18.55 -35.79
N SER A 231 6.32 17.39 -35.34
CA SER A 231 5.46 16.25 -35.08
C SER A 231 5.44 15.94 -33.60
N THR A 232 4.33 15.36 -33.16
CA THR A 232 4.14 14.96 -31.74
C THR A 232 3.87 13.46 -31.70
N ILE A 233 4.13 12.85 -30.53
CA ILE A 233 3.93 11.37 -30.36
C ILE A 233 3.39 11.07 -28.96
N ARG A 234 2.26 10.38 -28.87
CA ARG A 234 1.65 9.99 -27.61
C ARG A 234 1.77 8.49 -27.46
N ILE A 235 2.43 8.08 -26.39
CA ILE A 235 2.70 6.62 -26.17
C ILE A 235 1.61 6.05 -25.28
N TYR A 236 0.92 5.01 -25.74
CA TYR A 236 -0.16 4.37 -24.92
C TYR A 236 0.38 3.13 -24.21
N PHE A 237 0.09 2.99 -22.92
CA PHE A 237 0.57 1.84 -22.12
C PHE A 237 -0.60 0.88 -21.85
N LYS A 238 -0.48 -0.39 -22.24
CA LYS A 238 -1.54 -1.34 -21.92
C LYS A 238 -0.97 -2.62 -21.34
N PRO A 239 -0.96 -2.76 -20.02
CA PRO A 239 -0.51 -4.01 -19.41
C PRO A 239 -1.41 -5.17 -19.83
N LYS A 240 -0.79 -6.29 -20.16
CA LYS A 240 -1.52 -7.47 -20.58
C LYS A 240 -1.08 -8.69 -19.79
N HIS A 241 -2.03 -9.59 -19.53
CA HIS A 241 -1.79 -10.79 -18.73
C HIS A 241 -1.20 -10.42 -17.38
N VAL A 242 -1.95 -9.56 -16.66
CA VAL A 242 -1.43 -9.00 -15.39
C VAL A 242 -1.58 -9.95 -14.20
N LYS A 243 -0.58 -9.96 -13.33
CA LYS A 243 -0.62 -10.72 -12.10
C LYS A 243 -0.14 -9.82 -10.97
N ALA A 244 -0.68 -10.03 -9.77
CA ALA A 244 -0.31 -9.19 -8.64
C ALA A 244 -0.10 -10.04 -7.40
N TRP A 245 0.62 -9.49 -6.43
CA TRP A 245 0.95 -10.19 -5.22
C TRP A 245 1.03 -9.21 -4.08
N ILE A 246 0.77 -9.70 -2.86
CA ILE A 246 0.86 -8.86 -1.62
C ILE A 246 0.14 -7.53 -1.77
N PRO A 247 -1.19 -7.48 -1.54
CA PRO A 247 -1.92 -6.21 -1.59
C PRO A 247 -1.43 -5.28 -0.49
N ARG A 248 -1.41 -3.97 -0.76
CA ARG A 248 -0.96 -2.96 0.25
C ARG A 248 -1.91 -1.76 0.23
N PRO A 249 -1.94 -0.88 1.26
CA PRO A 249 -2.91 0.22 1.33
C PRO A 249 -2.71 1.31 0.25
N PRO A 250 -3.81 1.94 -0.23
CA PRO A 250 -3.71 3.02 -1.22
C PRO A 250 -2.93 4.24 -0.71
N ARG A 251 -2.13 4.87 -1.58
CA ARG A 251 -1.32 6.06 -1.21
C ARG A 251 -2.24 7.21 -0.76
N LEU A 252 -2.18 7.57 0.53
CA LEU A 252 -3.02 8.68 1.08
C LEU A 252 -2.52 10.02 0.55
N CYS A 253 -1.21 10.28 0.61
CA CYS A 253 -0.72 11.66 0.25
C CYS A 253 -0.45 11.81 -1.25
N GLN A 254 -0.44 13.05 -1.77
CA GLN A 254 -0.24 13.25 -3.24
C GLN A 254 1.22 12.99 -3.59
N TYR A 255 1.49 12.54 -4.83
CA TYR A 255 2.88 12.23 -5.26
C TYR A 255 3.70 13.52 -5.38
N GLU A 256 5.02 13.42 -5.16
CA GLU A 256 5.92 14.60 -5.24
C GLU A 256 6.93 14.38 -6.37
N LYS A 257 7.81 13.40 -6.21
CA LYS A 257 8.85 13.09 -7.24
C LYS A 257 8.57 11.68 -7.79
N ALA A 258 8.62 11.51 -9.12
CA ALA A 258 8.43 10.17 -9.72
C ALA A 258 9.61 9.26 -9.33
N LYS A 259 10.73 9.86 -8.90
CA LYS A 259 11.95 9.08 -8.56
C LYS A 259 11.71 8.23 -7.30
N ASN A 260 11.04 8.75 -6.27
CA ASN A 260 10.94 7.96 -5.01
C ASN A 260 9.57 8.08 -4.35
N VAL A 261 9.47 7.68 -3.07
CA VAL A 261 8.20 7.71 -2.36
C VAL A 261 8.14 8.89 -1.39
N ASN A 262 9.07 9.83 -1.49
CA ASN A 262 9.06 10.99 -0.61
C ASN A 262 7.73 11.73 -0.73
N PHE A 263 7.26 12.24 0.41
CA PHE A 263 5.91 12.87 0.45
C PHE A 263 5.87 13.92 1.55
N GLN A 264 4.80 14.74 1.55
CA GLN A 264 4.62 15.74 2.63
C GLN A 264 3.50 15.22 3.53
N PRO A 265 3.60 15.31 4.87
CA PRO A 265 2.59 14.73 5.74
C PRO A 265 1.20 15.31 5.48
N SER A 266 0.17 14.46 5.44
CA SER A 266 -1.21 14.91 5.13
C SER A 266 -2.19 14.39 6.17
N GLY A 267 -3.31 15.09 6.37
CA GLY A 267 -4.35 14.64 7.32
C GLY A 267 -4.98 13.34 6.89
N VAL A 268 -5.64 12.65 7.82
CA VAL A 268 -6.20 11.34 7.49
C VAL A 268 -7.40 11.46 6.57
N THR A 269 -8.24 12.48 6.80
CA THR A 269 -9.46 12.67 5.97
C THR A 269 -10.02 14.09 6.13
N THR A 270 -11.12 14.37 5.41
CA THR A 270 -11.83 15.68 5.47
C THR A 270 -12.54 15.79 6.82
N THR A 271 -12.52 16.96 7.45
CA THR A 271 -13.08 17.13 8.81
C THR A 271 -14.57 17.53 8.75
N ARG A 272 -15.28 17.43 9.88
CA ARG A 272 -16.71 17.82 9.93
C ARG A 272 -16.92 18.74 11.14
N GLN A 273 -18.17 19.11 11.43
CA GLN A 273 -18.46 20.04 12.52
C GLN A 273 -18.36 19.37 13.88
N SER A 274 -19.19 18.36 14.13
CA SER A 274 -19.20 17.65 15.40
C SER A 274 -19.32 16.16 15.13
N ILE A 275 -18.92 15.36 16.13
CA ILE A 275 -18.88 13.92 15.97
C ILE A 275 -20.27 13.34 15.82
N THR A 276 -21.26 14.00 16.44
CA THR A 276 -22.65 13.47 16.41
C THR A 276 -23.35 13.93 15.12
N THR A 277 -22.68 14.75 14.31
CA THR A 277 -23.28 15.26 13.04
C THR A 277 -22.75 14.43 11.87
N ARG B 12 -4.21 -21.06 31.44
CA ARG B 12 -3.02 -21.84 31.77
C ARG B 12 -1.86 -21.45 30.88
N ALA B 13 -0.66 -21.86 31.28
CA ALA B 13 0.57 -21.51 30.57
C ALA B 13 1.18 -22.74 29.95
N ARG B 14 2.04 -22.52 28.96
CA ARG B 14 2.70 -23.59 28.24
C ARG B 14 4.11 -23.16 27.85
N SER B 15 4.98 -24.15 27.64
CA SER B 15 6.40 -23.90 27.29
C SER B 15 6.72 -24.44 25.89
N ILE B 16 7.41 -23.63 25.08
CA ILE B 16 7.82 -23.97 23.73
C ILE B 16 9.33 -23.89 23.66
N THR B 17 9.96 -24.96 23.19
CA THR B 17 11.41 -25.07 23.19
C THR B 17 11.94 -25.15 21.77
N LEU B 18 12.90 -24.29 21.44
CA LEU B 18 13.60 -24.33 20.16
C LEU B 18 15.09 -24.27 20.45
N GLY B 19 15.81 -25.34 20.13
CA GLY B 19 17.22 -25.37 20.48
C GLY B 19 17.39 -25.40 21.99
N ASN B 20 17.89 -24.28 22.54
CA ASN B 20 18.15 -24.20 24.00
C ASN B 20 17.22 -23.17 24.68
N SER B 21 16.67 -22.21 23.94
CA SER B 21 15.80 -21.22 24.54
C SER B 21 14.37 -21.74 24.66
N THR B 22 13.62 -21.15 25.57
CA THR B 22 12.26 -21.57 25.91
C THR B 22 11.41 -20.34 26.14
N ILE B 23 10.14 -20.43 25.73
CA ILE B 23 9.19 -19.28 25.89
C ILE B 23 7.94 -19.77 26.62
N THR B 24 7.29 -18.90 27.38
CA THR B 24 6.07 -19.22 28.12
C THR B 24 4.89 -18.48 27.51
N THR B 25 3.90 -19.22 27.03
CA THR B 25 2.73 -18.66 26.38
C THR B 25 1.48 -19.39 26.84
N GLN B 26 0.33 -18.79 26.55
CA GLN B 26 -0.94 -19.32 26.99
C GLN B 26 -1.30 -20.58 26.19
N GLU B 27 -2.42 -21.19 26.56
CA GLU B 27 -2.88 -22.38 25.86
C GLU B 27 -3.53 -22.02 24.52
N CYS B 28 -4.35 -20.98 24.52
CA CYS B 28 -4.97 -20.46 23.29
C CYS B 28 -4.19 -19.24 22.86
N ALA B 29 -3.25 -19.44 21.94
CA ALA B 29 -2.35 -18.36 21.54
C ALA B 29 -2.91 -17.58 20.36
N ASN B 30 -3.81 -18.16 19.58
CA ASN B 30 -4.45 -17.50 18.45
C ASN B 30 -3.41 -17.01 17.44
N VAL B 31 -2.73 -17.97 16.82
CA VAL B 31 -1.72 -17.67 15.82
C VAL B 31 -2.40 -17.24 14.54
N VAL B 32 -1.82 -16.23 13.88
CA VAL B 32 -2.35 -15.79 12.55
C VAL B 32 -1.26 -16.06 11.50
N VAL B 33 -1.45 -17.09 10.67
CA VAL B 33 -0.47 -17.44 9.65
C VAL B 33 -0.39 -16.31 8.63
N GLY B 34 0.77 -16.19 7.99
CA GLY B 34 1.04 -15.05 7.12
C GLY B 34 0.04 -14.88 5.99
N TYR B 35 0.06 -15.77 5.02
CA TYR B 35 -0.86 -15.71 3.88
C TYR B 35 -1.39 -17.09 3.59
N GLY B 36 -1.77 -17.81 4.64
CA GLY B 36 -2.17 -19.18 4.53
C GLY B 36 -1.03 -20.14 4.22
N VAL B 37 0.22 -19.70 4.33
CA VAL B 37 1.37 -20.51 3.98
C VAL B 37 2.30 -20.60 5.18
N TRP B 38 2.81 -21.80 5.47
CA TRP B 38 3.80 -21.95 6.56
C TRP B 38 5.21 -21.96 5.96
N PRO B 39 6.22 -21.33 6.59
CA PRO B 39 7.57 -21.24 6.01
C PRO B 39 8.15 -22.61 5.65
N ASP B 40 8.67 -22.76 4.42
CA ASP B 40 9.27 -24.01 3.99
C ASP B 40 10.60 -23.74 3.30
N TYR B 41 11.42 -24.78 3.20
CA TYR B 41 12.68 -24.69 2.48
C TYR B 41 12.44 -24.47 1.00
N LEU B 42 13.41 -23.86 0.33
CA LEU B 42 13.29 -23.64 -1.10
C LEU B 42 13.41 -24.97 -1.84
N LYS B 43 12.37 -25.27 -2.63
CA LYS B 43 12.34 -26.53 -3.43
C LYS B 43 11.76 -26.24 -4.81
N ASP B 57 20.92 -24.14 7.70
CA ASP B 57 21.55 -24.34 8.99
C ASP B 57 20.50 -24.40 10.10
N VAL B 58 20.18 -25.62 10.53
CA VAL B 58 19.20 -25.80 11.59
C VAL B 58 19.65 -25.16 12.90
N ALA B 59 20.96 -24.96 13.07
CA ALA B 59 21.46 -24.46 14.34
C ALA B 59 21.03 -23.02 14.59
N THR B 60 20.39 -22.39 13.60
CA THR B 60 19.98 -20.97 13.73
C THR B 60 18.50 -20.87 14.17
N CYS B 61 17.87 -21.98 14.56
CA CYS B 61 16.44 -21.93 14.88
C CYS B 61 16.28 -21.88 16.38
N ARG B 62 16.29 -20.65 16.91
CA ARG B 62 16.14 -20.39 18.36
C ARG B 62 15.27 -19.15 18.54
N PHE B 63 14.90 -18.87 19.79
CA PHE B 63 14.10 -17.68 20.11
C PHE B 63 15.06 -16.53 20.45
N TYR B 64 15.32 -15.67 19.48
CA TYR B 64 16.19 -14.51 19.69
C TYR B 64 15.38 -13.43 20.35
N THR B 65 15.37 -13.42 21.67
CA THR B 65 14.57 -12.46 22.43
C THR B 65 15.27 -11.10 22.45
N LEU B 66 14.65 -10.11 21.82
CA LEU B 66 15.21 -8.77 21.82
C LEU B 66 14.92 -8.07 23.13
N ASP B 67 15.19 -6.77 23.16
CA ASP B 67 15.01 -6.01 24.38
C ASP B 67 13.56 -5.64 24.59
N SER B 68 13.23 -5.22 25.81
CA SER B 68 11.92 -4.70 26.10
C SER B 68 11.93 -3.18 25.96
N VAL B 69 10.79 -2.64 25.52
CA VAL B 69 10.61 -1.18 25.31
C VAL B 69 9.44 -0.72 26.19
N GLN B 70 9.67 0.28 27.05
CA GLN B 70 8.63 0.75 27.95
C GLN B 70 7.59 1.55 27.21
N TRP B 71 6.35 1.08 27.27
CA TRP B 71 5.21 1.75 26.67
C TRP B 71 4.66 2.75 27.68
N GLN B 72 4.60 4.02 27.29
CA GLN B 72 4.19 5.08 28.20
C GLN B 72 2.94 5.78 27.66
N LYS B 73 2.50 6.79 28.40
CA LYS B 73 1.25 7.46 28.08
C LYS B 73 1.35 8.26 26.80
N THR B 74 2.57 8.56 26.36
CA THR B 74 2.79 9.40 25.18
C THR B 74 3.59 8.72 24.09
N SER B 75 3.88 7.43 24.22
CA SER B 75 4.78 6.81 23.26
C SER B 75 4.09 6.68 21.90
N PRO B 76 4.67 7.23 20.85
CA PRO B 76 4.04 7.17 19.52
C PRO B 76 4.03 5.79 18.90
N GLY B 77 5.18 5.12 18.87
CA GLY B 77 5.25 3.80 18.25
C GLY B 77 6.68 3.30 18.23
N TRP B 78 6.86 2.14 17.59
CA TRP B 78 8.18 1.56 17.38
C TRP B 78 8.15 0.75 16.09
N TRP B 79 9.34 0.46 15.55
CA TRP B 79 9.42 -0.37 14.35
C TRP B 79 10.79 -1.04 14.26
N TRP B 80 10.79 -2.32 13.88
CA TRP B 80 12.05 -3.10 13.78
C TRP B 80 12.18 -3.63 12.35
N LYS B 81 13.41 -3.82 11.87
CA LYS B 81 13.63 -4.50 10.56
C LYS B 81 14.15 -5.88 10.94
N LEU B 82 13.38 -6.95 10.70
CA LEU B 82 13.76 -8.31 11.19
C LEU B 82 15.18 -8.72 10.77
N PRO B 83 15.61 -8.71 9.49
CA PRO B 83 16.99 -9.06 9.15
C PRO B 83 18.01 -8.26 9.98
N ASP B 84 17.87 -6.93 10.02
CA ASP B 84 18.79 -6.06 10.80
C ASP B 84 18.66 -6.37 12.31
N ALA B 85 17.44 -6.57 12.79
CA ALA B 85 17.23 -6.79 14.24
C ALA B 85 18.15 -7.91 14.72
N LEU B 86 18.44 -8.87 13.85
CA LEU B 86 19.27 -10.02 14.28
C LEU B 86 20.64 -9.98 13.58
N SER B 87 21.20 -8.79 13.32
CA SER B 87 22.46 -8.74 12.60
C SER B 87 23.65 -8.95 13.53
N ASN B 88 23.51 -8.59 14.81
CA ASN B 88 24.61 -8.70 15.76
C ASN B 88 24.48 -9.91 16.67
N LEU B 89 23.41 -10.69 16.55
CA LEU B 89 23.05 -11.69 17.54
C LEU B 89 23.57 -13.06 17.14
N GLY B 90 24.80 -13.36 17.54
CA GLY B 90 25.29 -14.73 17.54
C GLY B 90 25.30 -15.39 16.20
N LEU B 91 24.73 -16.60 16.15
CA LEU B 91 24.88 -17.46 14.98
C LEU B 91 24.25 -16.83 13.75
N PHE B 92 23.09 -16.19 13.93
CA PHE B 92 22.38 -15.57 12.78
C PHE B 92 23.28 -14.46 12.21
N GLY B 93 23.90 -13.67 13.10
CA GLY B 93 24.81 -12.59 12.66
C GLY B 93 26.03 -13.13 11.93
N GLN B 94 26.59 -14.23 12.44
CA GLN B 94 27.81 -14.84 11.83
C GLN B 94 27.44 -15.46 10.49
N ASN B 95 26.27 -16.10 10.40
CA ASN B 95 25.87 -16.76 9.16
C ASN B 95 25.63 -15.73 8.06
N MET B 96 24.80 -14.74 8.34
CA MET B 96 24.46 -13.74 7.28
C MET B 96 25.70 -12.94 6.91
N GLN B 97 26.86 -13.25 7.52
CA GLN B 97 28.07 -12.43 7.28
C GLN B 97 28.86 -13.01 6.10
N TYR B 98 29.48 -14.18 6.28
CA TYR B 98 30.25 -14.81 5.18
C TYR B 98 29.35 -15.25 4.03
N HIS B 99 28.24 -15.92 4.36
CA HIS B 99 27.27 -16.45 3.36
C HIS B 99 26.75 -15.34 2.45
N TYR B 100 26.56 -15.67 1.16
CA TYR B 100 26.03 -14.72 0.16
C TYR B 100 24.61 -15.18 -0.18
N LEU B 101 23.64 -14.25 -0.10
CA LEU B 101 22.19 -14.44 -0.38
C LEU B 101 21.54 -15.32 0.69
N GLY B 102 20.39 -15.92 0.38
CA GLY B 102 19.68 -16.79 1.34
C GLY B 102 18.25 -16.34 1.56
N ARG B 103 17.47 -17.14 2.29
CA ARG B 103 16.07 -16.83 2.56
C ARG B 103 15.74 -17.25 3.98
N THR B 104 14.68 -16.66 4.55
CA THR B 104 14.36 -16.94 5.98
C THR B 104 12.90 -16.59 6.33
N GLY B 105 12.17 -17.50 6.98
CA GLY B 105 10.84 -17.22 7.47
C GLY B 105 10.94 -16.56 8.83
N TYR B 106 9.83 -16.31 9.51
CA TYR B 106 9.89 -15.66 10.81
C TYR B 106 8.69 -16.04 11.64
N THR B 107 8.83 -15.92 12.96
CA THR B 107 7.68 -16.17 13.87
C THR B 107 7.77 -15.12 14.98
N VAL B 108 7.32 -13.89 14.71
CA VAL B 108 7.46 -12.79 15.70
C VAL B 108 6.41 -12.93 16.81
N HIS B 109 6.86 -12.93 18.08
CA HIS B 109 5.92 -12.98 19.24
C HIS B 109 6.01 -11.64 19.97
N VAL B 110 4.89 -10.92 20.10
CA VAL B 110 4.92 -9.64 20.87
C VAL B 110 4.15 -9.85 22.18
N GLN B 111 4.86 -9.88 23.30
CA GLN B 111 4.22 -10.15 24.62
C GLN B 111 4.18 -8.84 25.40
N CYS B 112 3.01 -8.47 25.90
CA CYS B 112 2.83 -7.20 26.59
C CYS B 112 2.14 -7.45 27.92
N ASN B 113 2.92 -7.46 29.00
CA ASN B 113 2.41 -7.83 30.33
C ASN B 113 1.99 -6.58 31.07
N ALA B 114 0.69 -6.47 31.36
CA ALA B 114 0.14 -5.33 32.05
C ALA B 114 -0.96 -5.81 32.99
N SER B 115 -1.22 -5.00 34.01
CA SER B 115 -2.18 -5.36 35.04
C SER B 115 -3.60 -5.34 34.49
N LYS B 116 -4.55 -5.46 35.42
CA LYS B 116 -6.00 -5.45 35.10
C LYS B 116 -6.53 -4.02 35.21
N PHE B 117 -5.82 -3.15 35.93
CA PHE B 117 -6.25 -1.75 36.06
C PHE B 117 -5.68 -0.89 34.95
N HIS B 118 -4.87 -1.45 34.06
CA HIS B 118 -4.40 -0.72 32.89
C HIS B 118 -5.37 -0.92 31.73
N GLN B 119 -5.28 -0.04 30.73
CA GLN B 119 -6.13 -0.10 29.56
C GLN B 119 -5.37 0.44 28.37
N GLY B 120 -5.63 -0.11 27.18
CA GLY B 120 -4.97 0.39 25.95
C GLY B 120 -5.01 -0.64 24.83
N CYS B 121 -4.65 -0.22 23.62
CA CYS B 121 -4.69 -1.14 22.44
C CYS B 121 -3.41 -0.99 21.61
N LEU B 122 -2.97 -2.08 20.96
CA LEU B 122 -1.74 -2.05 20.11
C LEU B 122 -2.06 -2.69 18.76
N LEU B 123 -1.44 -2.20 17.68
CA LEU B 123 -1.61 -2.86 16.36
C LEU B 123 -0.28 -3.51 15.97
N VAL B 124 -0.18 -4.84 16.09
CA VAL B 124 1.05 -5.53 15.73
C VAL B 124 0.94 -6.01 14.30
N VAL B 125 1.85 -5.58 13.44
CA VAL B 125 1.74 -5.81 12.00
C VAL B 125 3.12 -6.00 11.41
N CYS B 126 3.25 -6.97 10.50
CA CYS B 126 4.53 -7.19 9.78
C CYS B 126 4.35 -6.67 8.35
N VAL B 127 5.05 -5.59 7.99
CA VAL B 127 4.86 -4.97 6.64
C VAL B 127 6.00 -5.40 5.72
N PRO B 128 5.74 -6.19 4.66
CA PRO B 128 6.79 -6.54 3.69
C PRO B 128 7.22 -5.36 2.81
N GLU B 129 8.51 -5.28 2.48
CA GLU B 129 9.03 -4.21 1.60
C GLU B 129 8.45 -2.85 2.01
N ALA B 130 8.64 -2.44 3.26
CA ALA B 130 8.15 -1.12 3.72
C ALA B 130 9.16 -0.03 3.37
N GLU B 131 9.03 0.58 2.19
CA GLU B 131 9.95 1.68 1.80
C GLU B 131 9.53 2.93 2.58
N MET B 132 10.47 3.62 3.23
CA MET B 132 10.08 4.77 4.09
C MET B 132 10.44 6.10 3.45
N GLY B 133 9.57 7.11 3.58
CA GLY B 133 9.79 8.43 2.96
C GLY B 133 10.84 9.25 3.69
N CYS B 134 11.41 10.25 3.01
CA CYS B 134 12.45 11.13 3.63
C CYS B 134 11.84 12.50 3.91
N ALA B 135 12.30 13.15 4.99
CA ALA B 135 11.74 14.47 5.39
C ALA B 135 11.97 15.49 4.27
N THR B 136 13.17 15.48 3.66
CA THR B 136 13.45 16.40 2.53
C THR B 136 13.03 15.71 1.22
N LEU B 137 12.00 16.24 0.56
CA LEU B 137 11.49 15.64 -0.71
C LEU B 137 12.64 15.42 -1.69
N ASP B 138 13.63 16.33 -1.71
CA ASP B 138 14.72 16.26 -2.72
C ASP B 138 15.54 14.97 -2.63
N ASN B 139 15.86 14.48 -1.43
CA ASN B 139 16.79 13.31 -1.34
C ASN B 139 16.24 12.15 -0.52
N THR B 140 16.87 10.97 -0.62
CA THR B 140 16.47 9.77 0.17
C THR B 140 17.10 9.85 1.57
N PRO B 141 16.65 9.09 2.60
CA PRO B 141 17.28 9.15 3.92
C PRO B 141 18.61 8.38 4.04
N SER B 142 19.25 8.48 5.20
CA SER B 142 20.55 7.79 5.44
C SER B 142 20.28 6.41 6.02
N SER B 143 21.29 5.53 5.99
CA SER B 143 21.11 4.13 6.46
C SER B 143 20.95 4.08 7.98
N ALA B 144 21.77 4.83 8.72
CA ALA B 144 21.74 4.80 10.19
C ALA B 144 20.37 5.26 10.70
N GLU B 145 19.82 6.33 10.11
CA GLU B 145 18.51 6.89 10.54
C GLU B 145 17.38 5.92 10.22
N LEU B 146 17.50 5.17 9.13
CA LEU B 146 16.44 4.20 8.71
C LEU B 146 16.52 2.92 9.54
N LEU B 147 17.70 2.33 9.69
CA LEU B 147 17.82 1.01 10.38
C LEU B 147 18.25 1.17 11.83
N GLY B 148 17.49 0.59 12.77
CA GLY B 148 17.89 0.59 14.19
C GLY B 148 18.42 -0.77 14.58
N GLY B 149 19.73 -0.89 14.84
CA GLY B 149 20.30 -2.20 15.12
C GLY B 149 20.37 -2.44 16.61
N ASP B 150 19.86 -3.60 17.02
CA ASP B 150 19.81 -4.04 18.42
C ASP B 150 18.98 -3.12 19.29
N SER B 151 18.31 -2.14 18.69
CA SER B 151 17.37 -1.26 19.37
C SER B 151 16.19 -1.02 18.45
N ALA B 152 15.15 -0.39 18.96
CA ALA B 152 13.93 -0.16 18.22
C ALA B 152 13.81 1.31 17.88
N LYS B 153 13.70 1.62 16.59
CA LYS B 153 13.44 2.98 16.18
C LYS B 153 11.96 3.30 16.38
N GLU B 154 11.68 4.56 16.72
CA GLU B 154 10.35 4.94 17.14
C GLU B 154 9.83 6.10 16.31
N PHE B 155 8.51 6.15 16.15
CA PHE B 155 7.88 7.20 15.37
C PHE B 155 7.82 8.51 16.16
N ALA B 156 7.08 9.47 15.63
CA ALA B 156 6.87 10.75 16.28
C ALA B 156 5.48 11.26 15.93
N ASP B 157 4.94 12.11 16.81
CA ASP B 157 3.57 12.65 16.59
C ASP B 157 3.62 13.81 15.59
N LYS B 158 4.37 14.87 15.91
CA LYS B 158 4.44 16.07 15.03
C LYS B 158 5.23 15.75 13.75
N PRO B 159 4.98 16.45 12.62
CA PRO B 159 5.73 16.23 11.38
C PRO B 159 7.22 16.57 11.46
N VAL B 160 8.06 15.81 10.76
CA VAL B 160 9.54 16.05 10.78
C VAL B 160 9.86 17.27 9.91
N ALA B 161 10.79 18.12 10.36
CA ALA B 161 11.14 19.36 9.62
C ALA B 161 11.74 19.03 8.25
N SER B 162 11.46 19.86 7.25
CA SER B 162 12.01 19.66 5.89
C SER B 162 13.15 20.65 5.64
N GLY B 163 14.39 20.25 5.93
CA GLY B 163 15.54 21.13 5.76
C GLY B 163 16.51 20.58 4.73
N SER B 164 17.75 20.37 5.14
CA SER B 164 18.76 19.73 4.30
C SER B 164 19.27 18.48 4.99
N ASN B 165 18.32 17.75 5.60
CA ASN B 165 18.71 16.55 6.39
C ASN B 165 18.16 15.28 5.74
N LYS B 166 18.95 14.21 5.77
CA LYS B 166 18.53 12.89 5.22
C LYS B 166 17.84 12.10 6.32
N LEU B 167 16.86 12.74 6.97
CA LEU B 167 16.11 12.09 8.07
C LEU B 167 14.89 11.38 7.48
N VAL B 168 14.31 10.46 8.26
CA VAL B 168 13.14 9.71 7.84
C VAL B 168 11.90 10.38 8.41
N GLN B 169 10.86 10.48 7.58
CA GLN B 169 9.60 11.08 8.01
C GLN B 169 8.91 10.15 9.00
N ARG B 170 8.94 10.51 10.28
CA ARG B 170 8.51 9.63 11.35
C ARG B 170 7.13 9.99 11.89
N VAL B 171 6.22 10.43 11.03
CA VAL B 171 4.88 10.78 11.48
C VAL B 171 4.11 9.49 11.66
N VAL B 172 3.37 9.39 12.76
CA VAL B 172 2.76 8.11 13.11
C VAL B 172 1.43 7.92 12.39
N TYR B 173 0.71 9.00 12.10
CA TYR B 173 -0.56 8.82 11.42
C TYR B 173 -0.38 8.55 9.94
N ASN B 174 0.85 8.64 9.44
CA ASN B 174 1.18 8.20 8.10
C ASN B 174 2.06 6.97 8.08
N ALA B 175 2.65 6.61 9.22
CA ALA B 175 3.51 5.44 9.42
C ALA B 175 4.83 5.56 8.67
N GLY B 176 5.04 6.61 7.88
CA GLY B 176 6.31 6.77 7.19
C GLY B 176 6.23 6.36 5.74
N MET B 177 5.51 5.28 5.46
CA MET B 177 5.39 4.82 4.08
C MET B 177 4.62 5.80 3.23
N GLY B 178 3.76 6.60 3.85
CA GLY B 178 3.05 7.64 3.14
C GLY B 178 1.56 7.38 3.05
N VAL B 179 1.13 6.28 3.70
CA VAL B 179 -0.30 5.87 3.61
C VAL B 179 -0.99 6.09 4.95
N GLY B 180 -2.30 6.35 4.93
CA GLY B 180 -3.08 6.52 6.12
C GLY B 180 -2.92 5.35 7.06
N VAL B 181 -2.66 5.63 8.34
CA VAL B 181 -2.29 4.57 9.26
C VAL B 181 -3.46 3.64 9.52
N GLY B 182 -4.68 4.14 9.39
CA GLY B 182 -5.84 3.31 9.68
C GLY B 182 -5.84 2.00 8.91
N ASN B 183 -5.79 2.09 7.58
CA ASN B 183 -5.87 0.86 6.75
C ASN B 183 -4.50 0.16 6.66
N LEU B 184 -3.79 0.00 7.77
CA LEU B 184 -2.50 -0.73 7.77
C LEU B 184 -2.77 -2.19 8.15
N THR B 185 -4.06 -2.57 8.20
CA THR B 185 -4.46 -3.94 8.60
C THR B 185 -4.58 -4.85 7.38
N ILE B 186 -4.32 -4.34 6.18
CA ILE B 186 -4.31 -5.23 4.97
C ILE B 186 -3.18 -6.24 5.16
N PHE B 187 -2.08 -5.78 5.76
CA PHE B 187 -0.91 -6.65 6.00
C PHE B 187 -1.22 -7.65 7.13
N PRO B 188 -0.58 -8.84 7.21
CA PRO B 188 -0.80 -9.75 8.33
C PRO B 188 -0.63 -9.03 9.66
N HIS B 189 -1.73 -8.75 10.37
CA HIS B 189 -1.66 -8.01 11.62
C HIS B 189 -2.30 -8.81 12.75
N GLN B 190 -2.42 -8.16 13.92
CA GLN B 190 -3.11 -8.76 15.09
C GLN B 190 -3.24 -7.66 16.14
N TRP B 191 -4.37 -7.57 16.84
CA TRP B 191 -4.60 -6.45 17.80
C TRP B 191 -4.41 -6.94 19.23
N ILE B 192 -3.63 -6.22 20.04
CA ILE B 192 -3.52 -6.58 21.48
C ILE B 192 -4.38 -5.59 22.25
N ASN B 193 -5.50 -6.03 22.81
CA ASN B 193 -6.34 -5.14 23.64
C ASN B 193 -6.11 -5.55 25.09
N LEU B 194 -5.54 -4.67 25.91
CA LEU B 194 -5.19 -5.04 27.30
C LEU B 194 -6.46 -5.33 28.10
N ARG B 195 -7.64 -5.28 27.45
CA ARG B 195 -8.89 -5.65 28.16
C ARG B 195 -9.05 -7.18 28.09
N THR B 196 -8.85 -7.76 26.91
CA THR B 196 -9.03 -9.23 26.74
C THR B 196 -7.71 -9.91 26.36
N ASN B 197 -7.10 -9.49 25.25
CA ASN B 197 -5.84 -10.11 24.75
C ASN B 197 -4.64 -9.63 25.55
N ASN B 198 -3.52 -10.36 25.42
CA ASN B 198 -2.26 -10.06 26.09
C ASN B 198 -1.05 -10.18 25.19
N SER B 199 -1.18 -10.89 24.07
CA SER B 199 -0.02 -11.13 23.19
C SER B 199 -0.46 -11.42 21.77
N ALA B 200 0.47 -11.36 20.81
CA ALA B 200 0.15 -11.67 19.40
C ALA B 200 1.27 -12.53 18.82
N THR B 201 0.91 -13.50 17.96
CA THR B 201 1.93 -14.35 17.28
C THR B 201 1.68 -14.32 15.77
N ILE B 202 2.63 -13.79 15.00
CA ILE B 202 2.43 -13.65 13.52
C ILE B 202 3.47 -14.49 12.79
N VAL B 203 3.03 -15.49 12.01
CA VAL B 203 3.99 -16.30 11.20
C VAL B 203 4.14 -15.56 9.87
N MET B 204 5.37 -15.39 9.38
CA MET B 204 5.60 -14.62 8.13
C MET B 204 6.36 -15.48 7.12
N PRO B 205 5.81 -15.75 5.93
CA PRO B 205 6.51 -16.50 4.89
C PRO B 205 7.59 -15.64 4.23
N TYR B 206 8.57 -16.27 3.57
CA TYR B 206 9.60 -15.49 2.83
C TYR B 206 8.96 -14.85 1.59
N THR B 207 8.78 -13.54 1.61
CA THR B 207 8.16 -12.84 0.46
C THR B 207 9.22 -12.03 -0.28
N ASN B 208 9.60 -12.45 -1.50
CA ASN B 208 10.57 -11.67 -2.31
C ASN B 208 10.42 -12.05 -3.78
N SER B 209 10.62 -11.08 -4.69
CA SER B 209 10.56 -11.38 -6.14
C SER B 209 11.68 -12.35 -6.51
N VAL B 210 12.85 -12.14 -5.89
CA VAL B 210 14.05 -12.98 -6.18
C VAL B 210 14.03 -14.23 -5.30
N PRO B 211 14.36 -15.46 -5.79
CA PRO B 211 14.41 -16.66 -4.95
C PRO B 211 15.25 -16.46 -3.69
N MET B 212 16.48 -15.94 -3.84
CA MET B 212 17.35 -15.66 -2.66
C MET B 212 17.95 -14.26 -2.80
N ASP B 213 18.07 -13.52 -1.70
CA ASP B 213 18.59 -12.13 -1.75
C ASP B 213 19.58 -11.89 -0.61
N ASN B 214 20.56 -10.99 -0.81
CA ASN B 214 21.53 -10.66 0.27
C ASN B 214 20.78 -10.03 1.44
N MET B 215 20.85 -10.68 2.61
CA MET B 215 20.10 -10.19 3.81
C MET B 215 20.59 -8.81 4.23
N PHE B 216 21.89 -8.55 4.12
CA PHE B 216 22.47 -7.25 4.57
C PHE B 216 22.04 -6.13 3.63
N ARG B 217 22.07 -6.37 2.32
CA ARG B 217 21.77 -5.31 1.33
C ARG B 217 20.27 -4.95 1.38
N HIS B 218 19.39 -5.95 1.50
CA HIS B 218 17.93 -5.66 1.43
C HIS B 218 17.18 -6.27 2.63
N ASN B 219 16.26 -5.52 3.23
CA ASN B 219 15.42 -6.05 4.34
C ASN B 219 14.03 -6.38 3.78
N ASN B 220 13.54 -7.60 3.99
CA ASN B 220 12.25 -8.01 3.35
C ASN B 220 11.02 -7.57 4.15
N VAL B 221 11.06 -7.62 5.49
CA VAL B 221 9.84 -7.33 6.29
C VAL B 221 10.13 -6.34 7.41
N THR B 222 9.16 -5.48 7.75
CA THR B 222 9.33 -4.52 8.87
C THR B 222 8.26 -4.81 9.91
N LEU B 223 8.63 -5.00 11.18
CA LEU B 223 7.63 -5.23 12.25
C LEU B 223 7.22 -3.87 12.82
N MET B 224 5.93 -3.54 12.77
CA MET B 224 5.45 -2.23 13.29
C MET B 224 4.47 -2.46 14.45
N VAL B 225 4.59 -1.66 15.52
CA VAL B 225 3.73 -1.76 16.69
C VAL B 225 3.21 -0.35 16.99
N ILE B 226 1.91 -0.15 16.90
CA ILE B 226 1.37 1.20 17.04
C ILE B 226 0.26 1.24 18.09
N PRO B 227 0.39 2.09 19.09
CA PRO B 227 -0.66 2.25 20.11
C PRO B 227 -1.81 3.15 19.70
N PHE B 228 -2.85 2.60 19.07
CA PHE B 228 -4.00 3.42 18.70
C PHE B 228 -4.63 4.07 19.92
N VAL B 229 -5.19 3.29 20.82
CA VAL B 229 -5.84 3.79 22.03
C VAL B 229 -4.76 3.93 23.10
N PRO B 230 -4.51 5.13 23.63
CA PRO B 230 -3.35 5.34 24.50
C PRO B 230 -3.41 4.55 25.79
N LEU B 231 -2.25 4.26 26.38
CA LEU B 231 -2.22 3.69 27.72
C LEU B 231 -2.79 4.68 28.71
N ASP B 232 -3.50 4.18 29.71
CA ASP B 232 -3.99 5.03 30.80
C ASP B 232 -4.12 4.22 32.07
N TYR B 233 -3.83 4.86 33.20
CA TYR B 233 -3.81 4.16 34.49
C TYR B 233 -4.10 5.18 35.60
N CYS B 234 -4.61 4.71 36.74
CA CYS B 234 -4.85 5.63 37.89
C CYS B 234 -3.49 5.94 38.54
N PRO B 235 -3.34 7.05 39.30
CA PRO B 235 -2.08 7.31 39.99
C PRO B 235 -1.78 6.19 41.00
N GLY B 236 -0.52 5.75 41.06
CA GLY B 236 -0.15 4.65 41.98
C GLY B 236 -0.09 3.31 41.25
N SER B 237 0.08 3.34 39.92
CA SER B 237 0.25 2.09 39.14
C SER B 237 1.66 2.10 38.53
N THR B 238 2.08 1.04 37.84
CA THR B 238 3.41 1.08 37.16
C THR B 238 3.37 2.18 36.09
N THR B 239 4.42 3.00 36.00
CA THR B 239 4.39 4.15 35.06
C THR B 239 4.46 3.65 33.61
N TYR B 240 4.87 2.39 33.39
CA TYR B 240 5.04 1.94 31.98
C TYR B 240 4.67 0.47 31.82
N VAL B 241 4.41 0.04 30.58
CA VAL B 241 4.15 -1.37 30.29
C VAL B 241 5.28 -1.90 29.41
N PRO B 242 6.02 -2.89 29.86
CA PRO B 242 7.17 -3.38 29.10
C PRO B 242 6.84 -4.38 28.00
N ILE B 243 6.56 -3.90 26.79
CA ILE B 243 6.42 -4.77 25.63
C ILE B 243 7.69 -5.57 25.42
N THR B 244 7.56 -6.82 24.97
CA THR B 244 8.69 -7.72 24.75
C THR B 244 8.52 -8.43 23.41
N VAL B 245 9.56 -8.42 22.59
CA VAL B 245 9.50 -8.96 21.23
C VAL B 245 10.49 -10.11 21.10
N THR B 246 10.01 -11.22 20.53
CA THR B 246 10.85 -12.44 20.35
C THR B 246 10.77 -12.91 18.90
N ILE B 247 11.92 -13.08 18.23
CA ILE B 247 11.99 -13.49 16.84
C ILE B 247 12.58 -14.90 16.80
N ALA B 248 12.07 -15.73 15.91
CA ALA B 248 12.55 -17.09 15.74
C ALA B 248 12.58 -17.44 14.26
N PRO B 249 13.73 -17.40 13.60
CA PRO B 249 13.76 -17.67 12.16
C PRO B 249 13.43 -19.11 11.86
N MET B 250 12.51 -19.31 10.92
CA MET B 250 12.05 -20.65 10.54
C MET B 250 12.51 -20.96 9.14
N CYS B 251 13.12 -22.13 8.98
CA CYS B 251 13.54 -22.64 7.67
C CYS B 251 14.49 -21.67 6.98
N ALA B 252 15.65 -21.47 7.58
CA ALA B 252 16.67 -20.58 7.02
C ALA B 252 17.66 -21.41 6.21
N GLU B 253 17.88 -21.01 4.96
CA GLU B 253 18.84 -21.69 4.11
C GLU B 253 19.70 -20.67 3.39
N TYR B 254 20.95 -21.06 3.12
CA TYR B 254 21.94 -20.18 2.52
C TYR B 254 22.59 -20.87 1.34
N ASN B 255 23.37 -20.09 0.59
CA ASN B 255 24.03 -20.60 -0.60
C ASN B 255 25.54 -20.60 -0.41
N PRO C 3 -12.05 -11.63 -52.84
CA PRO C 3 -12.69 -10.31 -52.80
C PRO C 3 -13.13 -9.95 -51.38
N THR C 4 -12.63 -8.82 -50.90
CA THR C 4 -13.01 -8.32 -49.58
C THR C 4 -13.48 -6.88 -49.70
N MET C 5 -14.26 -6.46 -48.70
CA MET C 5 -14.76 -5.06 -48.64
C MET C 5 -14.48 -4.53 -47.24
N ASN C 6 -14.00 -3.29 -47.12
CA ASN C 6 -13.63 -2.73 -45.79
C ASN C 6 -14.84 -2.00 -45.21
N THR C 7 -15.37 -2.49 -44.08
CA THR C 7 -16.58 -1.89 -43.45
C THR C 7 -16.20 -0.65 -42.65
N PRO C 8 -17.15 0.21 -42.22
CA PRO C 8 -16.84 1.33 -41.35
C PRO C 8 -16.31 0.81 -40.01
N GLY C 9 -15.44 1.56 -39.35
CA GLY C 9 -14.80 1.07 -38.13
C GLY C 9 -13.43 0.48 -38.42
N SER C 10 -13.06 0.37 -39.70
CA SER C 10 -11.70 -0.08 -40.07
C SER C 10 -10.72 1.09 -39.93
N CYS C 11 -9.44 0.81 -39.75
CA CYS C 11 -8.39 1.87 -39.68
C CYS C 11 -8.69 2.90 -38.59
N GLN C 12 -9.11 2.46 -37.40
CA GLN C 12 -9.33 3.40 -36.27
C GLN C 12 -8.59 2.88 -35.04
N PHE C 13 -8.16 3.78 -34.14
CA PHE C 13 -7.53 3.35 -32.87
C PHE C 13 -8.54 3.50 -31.75
N LEU C 14 -9.50 2.58 -31.66
CA LEU C 14 -10.42 2.62 -30.53
C LEU C 14 -9.68 2.13 -29.29
N THR C 15 -9.35 3.08 -28.41
CA THR C 15 -8.54 2.85 -27.19
C THR C 15 -8.92 1.55 -26.46
N SER C 16 -10.21 1.28 -26.31
CA SER C 16 -10.68 0.14 -25.53
C SER C 16 -11.06 -1.00 -26.47
N ASP C 17 -10.03 -1.66 -27.00
CA ASP C 17 -10.23 -2.81 -27.86
C ASP C 17 -9.14 -3.84 -27.59
N ASP C 18 -9.44 -5.09 -27.90
CA ASP C 18 -8.57 -6.23 -27.58
C ASP C 18 -8.23 -6.97 -28.87
N PHE C 19 -7.08 -6.65 -29.45
CA PHE C 19 -6.62 -7.27 -30.69
C PHE C 19 -5.29 -7.97 -30.43
N GLN C 20 -4.90 -8.80 -31.40
CA GLN C 20 -3.57 -9.39 -31.39
C GLN C 20 -2.55 -8.34 -31.81
N SER C 21 -1.40 -8.36 -31.16
CA SER C 21 -0.40 -7.33 -31.37
C SER C 21 0.91 -7.95 -31.83
N PRO C 22 1.56 -7.39 -32.86
CA PRO C 22 2.83 -7.95 -33.33
C PRO C 22 3.93 -7.81 -32.29
N SER C 23 4.46 -8.94 -31.83
CA SER C 23 5.48 -8.92 -30.79
C SER C 23 6.77 -8.32 -31.32
N ALA C 24 7.36 -7.41 -30.55
CA ALA C 24 8.57 -6.74 -31.00
C ALA C 24 9.77 -7.68 -31.00
N MET C 25 10.03 -8.27 -29.83
CA MET C 25 11.18 -9.21 -29.68
C MET C 25 10.63 -10.65 -29.59
N PRO C 26 10.47 -11.42 -30.72
CA PRO C 26 9.98 -12.79 -30.62
C PRO C 26 11.11 -13.75 -30.35
N GLN C 27 10.72 -14.99 -30.02
CA GLN C 27 11.69 -16.05 -29.70
C GLN C 27 12.62 -15.61 -28.58
N TYR C 28 12.04 -15.00 -27.55
CA TYR C 28 12.75 -14.58 -26.35
C TYR C 28 12.15 -15.30 -25.16
N ASP C 29 13.00 -15.80 -24.28
CA ASP C 29 12.53 -16.56 -23.13
C ASP C 29 11.92 -15.62 -22.09
N VAL C 30 11.17 -16.20 -21.15
CA VAL C 30 10.27 -15.40 -20.33
C VAL C 30 10.59 -15.46 -18.84
N THR C 31 11.50 -16.33 -18.43
CA THR C 31 11.83 -16.52 -16.99
C THR C 31 10.63 -17.14 -16.28
N PRO C 32 10.66 -18.44 -15.92
CA PRO C 32 9.50 -19.09 -15.33
C PRO C 32 9.09 -18.42 -14.02
N GLU C 33 7.78 -18.33 -13.76
CA GLU C 33 7.32 -17.60 -12.54
C GLU C 33 7.37 -18.50 -11.30
N MET C 34 7.98 -18.01 -10.22
CA MET C 34 8.02 -18.77 -8.94
C MET C 34 6.71 -18.50 -8.19
N ARG C 35 6.38 -19.32 -7.18
CA ARG C 35 5.19 -19.03 -6.36
C ARG C 35 5.56 -17.95 -5.34
N ILE C 36 4.83 -16.83 -5.33
CA ILE C 36 5.08 -15.74 -4.35
C ILE C 36 3.90 -15.77 -3.36
N PRO C 37 4.07 -15.71 -2.01
CA PRO C 37 2.93 -15.86 -1.10
C PRO C 37 1.94 -14.73 -1.22
N GLY C 38 0.69 -15.07 -1.54
CA GLY C 38 -0.38 -14.10 -1.51
C GLY C 38 -0.64 -13.51 -2.87
N GLU C 39 -1.54 -14.16 -3.62
CA GLU C 39 -1.79 -13.71 -5.02
C GLU C 39 -3.21 -13.18 -5.13
N VAL C 40 -3.35 -11.87 -5.27
CA VAL C 40 -4.72 -11.28 -5.44
C VAL C 40 -5.22 -11.69 -6.83
N LYS C 41 -6.51 -12.01 -6.93
CA LYS C 41 -7.13 -12.41 -8.23
C LYS C 41 -8.31 -11.47 -8.44
N ASN C 42 -8.91 -11.00 -7.33
CA ASN C 42 -10.10 -10.10 -7.42
C ASN C 42 -9.91 -8.98 -6.39
N LEU C 43 -10.35 -7.76 -6.73
CA LEU C 43 -10.25 -6.61 -5.79
C LEU C 43 -11.09 -6.91 -4.54
N MET C 44 -12.24 -7.55 -4.70
CA MET C 44 -13.15 -7.80 -3.56
C MET C 44 -12.38 -8.37 -2.36
N GLU C 45 -11.40 -9.26 -2.58
CA GLU C 45 -10.69 -9.87 -1.47
C GLU C 45 -10.02 -8.81 -0.61
N ILE C 46 -9.79 -7.62 -1.17
CA ILE C 46 -9.22 -6.53 -0.39
C ILE C 46 -10.29 -5.81 0.41
N ALA C 47 -11.48 -5.62 -0.15
CA ALA C 47 -12.54 -4.90 0.53
C ALA C 47 -13.20 -5.72 1.62
N GLU C 48 -12.71 -6.95 1.85
CA GLU C 48 -13.26 -7.86 2.88
C GLU C 48 -12.39 -7.78 4.13
N VAL C 49 -11.47 -6.81 4.19
CA VAL C 49 -10.54 -6.68 5.35
C VAL C 49 -11.00 -5.49 6.19
N ASP C 50 -11.19 -5.71 7.50
CA ASP C 50 -11.66 -4.62 8.40
C ASP C 50 -10.58 -3.53 8.47
N SER C 51 -10.99 -2.27 8.38
CA SER C 51 -10.02 -1.13 8.51
C SER C 51 -10.59 -0.14 9.52
N VAL C 52 -9.73 0.43 10.38
CA VAL C 52 -10.23 1.35 11.45
C VAL C 52 -10.81 2.60 10.78
N VAL C 53 -11.76 3.27 11.45
CA VAL C 53 -12.47 4.43 10.82
C VAL C 53 -12.19 5.70 11.62
N PRO C 54 -11.79 6.83 10.97
CA PRO C 54 -11.62 8.11 11.67
C PRO C 54 -12.99 8.73 12.02
N VAL C 55 -13.79 8.04 12.83
CA VAL C 55 -15.14 8.53 13.23
C VAL C 55 -15.03 9.96 13.74
N GLN C 56 -14.04 10.25 14.58
CA GLN C 56 -13.98 11.59 15.18
C GLN C 56 -13.12 12.53 14.37
N ASN C 57 -13.45 12.73 13.10
CA ASN C 57 -12.70 13.64 12.24
C ASN C 57 -13.18 15.07 12.44
N VAL C 58 -12.96 15.57 13.65
CA VAL C 58 -13.43 16.89 14.07
C VAL C 58 -12.24 17.80 14.26
N GLY C 59 -12.15 18.83 13.44
CA GLY C 59 -11.14 19.85 13.65
C GLY C 59 -9.75 19.32 13.37
N GLU C 60 -8.82 19.60 14.30
CA GLU C 60 -7.41 19.19 14.07
C GLU C 60 -7.17 17.73 14.49
N LYS C 61 -8.24 16.98 14.76
CA LYS C 61 -8.07 15.53 15.10
C LYS C 61 -7.53 14.80 13.86
N VAL C 62 -7.97 15.18 12.66
CA VAL C 62 -7.53 14.50 11.40
C VAL C 62 -6.00 14.52 11.30
N ASN C 63 -5.33 15.53 11.87
CA ASN C 63 -3.88 15.63 11.73
C ASN C 63 -3.20 15.03 12.95
N SER C 64 -3.85 14.04 13.55
CA SER C 64 -3.30 13.36 14.74
C SER C 64 -3.86 11.95 14.79
N MET C 65 -3.33 11.12 15.69
CA MET C 65 -3.83 9.77 15.86
C MET C 65 -5.16 9.70 16.61
N GLU C 66 -5.57 10.82 17.22
CA GLU C 66 -6.82 10.84 18.02
C GLU C 66 -8.04 10.98 17.12
N ALA C 67 -7.92 10.73 15.81
CA ALA C 67 -9.08 10.79 14.95
C ALA C 67 -9.84 9.47 14.98
N TYR C 68 -9.16 8.39 15.38
CA TYR C 68 -9.80 7.04 15.29
C TYR C 68 -10.58 6.67 16.55
N GLN C 69 -10.24 7.28 17.70
CA GLN C 69 -10.87 6.89 18.95
C GLN C 69 -12.07 7.76 19.25
N ILE C 70 -13.11 7.14 19.79
CA ILE C 70 -14.36 7.81 20.15
C ILE C 70 -14.37 7.96 21.68
N PRO C 71 -14.43 9.18 22.21
CA PRO C 71 -14.38 9.34 23.67
C PRO C 71 -15.71 8.97 24.32
N VAL C 72 -15.62 8.15 25.36
CA VAL C 72 -16.83 7.77 26.14
C VAL C 72 -16.56 8.16 27.60
N ARG C 73 -17.23 9.19 28.10
CA ARG C 73 -16.96 9.67 29.45
C ARG C 73 -17.88 9.00 30.46
N SER C 74 -17.50 9.07 31.74
CA SER C 74 -18.35 8.50 32.81
C SER C 74 -19.60 9.37 32.97
N ASN C 75 -19.42 10.61 33.42
CA ASN C 75 -20.57 11.52 33.66
C ASN C 75 -21.21 11.86 32.32
N GLU C 76 -22.51 11.54 32.17
CA GLU C 76 -23.32 11.78 30.94
C GLU C 76 -22.49 11.51 29.68
N SER C 78 -27.16 8.23 30.10
CA SER C 78 -28.52 8.72 29.91
C SER C 78 -28.81 8.96 28.43
N GLY C 79 -29.80 9.80 28.13
CA GLY C 79 -30.16 10.04 26.76
C GLY C 79 -29.07 10.67 25.92
N THR C 80 -27.96 11.07 26.52
CA THR C 80 -26.86 11.68 25.78
C THR C 80 -26.33 10.72 24.74
N GLN C 81 -25.80 11.26 23.66
CA GLN C 81 -25.41 10.48 22.49
C GLN C 81 -23.89 10.36 22.43
N VAL C 82 -23.39 9.20 22.02
CA VAL C 82 -21.97 8.96 21.88
C VAL C 82 -21.47 9.52 20.55
N PHE C 83 -21.99 8.98 19.46
CA PHE C 83 -21.61 9.41 18.12
C PHE C 83 -22.75 9.15 17.15
N GLY C 84 -22.51 9.52 15.89
CA GLY C 84 -23.45 9.28 14.83
C GLY C 84 -22.92 9.75 13.50
N PHE C 85 -23.15 8.99 12.43
CA PHE C 85 -22.67 9.42 11.13
C PHE C 85 -23.55 8.80 10.05
N PRO C 86 -23.76 9.47 8.93
CA PRO C 86 -24.59 8.91 7.87
C PRO C 86 -23.92 7.73 7.17
N LEU C 87 -24.71 6.74 6.78
CA LEU C 87 -24.18 5.48 6.28
C LEU C 87 -24.07 5.47 4.76
N GLN C 88 -23.15 6.25 4.22
CA GLN C 88 -22.92 6.28 2.78
C GLN C 88 -21.44 6.05 2.52
N PRO C 89 -20.99 4.80 2.39
CA PRO C 89 -19.55 4.52 2.29
C PRO C 89 -18.86 5.22 1.12
N GLY C 90 -19.62 5.71 0.15
CA GLY C 90 -19.01 6.36 -0.99
C GLY C 90 -18.68 7.82 -0.77
N TYR C 91 -19.68 8.64 -0.48
CA TYR C 91 -19.49 10.08 -0.54
C TYR C 91 -19.23 10.67 0.85
N SER C 92 -19.54 9.91 1.90
CA SER C 92 -19.42 10.44 3.26
C SER C 92 -17.95 10.56 3.66
N SER C 93 -17.65 11.64 4.39
CA SER C 93 -16.27 11.91 4.75
C SER C 93 -15.71 10.89 5.72
N VAL C 94 -16.58 10.16 6.41
CA VAL C 94 -16.12 9.19 7.40
C VAL C 94 -15.54 7.97 6.71
N PHE C 95 -16.25 7.41 5.74
CA PHE C 95 -15.79 6.24 5.00
C PHE C 95 -15.00 6.62 3.75
N SER C 96 -14.47 7.84 3.72
CA SER C 96 -13.78 8.34 2.50
C SER C 96 -12.50 7.55 2.19
N ARG C 97 -11.51 7.57 3.09
CA ARG C 97 -10.20 6.92 2.79
C ARG C 97 -10.13 5.54 3.45
N THR C 98 -11.27 4.95 3.80
CA THR C 98 -11.28 3.57 4.35
C THR C 98 -10.95 2.59 3.22
N LEU C 99 -10.45 1.39 3.54
CA LEU C 99 -10.04 0.44 2.48
C LEU C 99 -11.25 0.14 1.60
N LEU C 100 -12.42 -0.09 2.21
CA LEU C 100 -13.67 -0.33 1.44
C LEU C 100 -14.02 0.92 0.64
N GLY C 101 -13.89 2.11 1.24
CA GLY C 101 -14.29 3.36 0.57
C GLY C 101 -13.42 3.68 -0.63
N GLU C 102 -12.09 3.59 -0.49
CA GLU C 102 -11.14 3.89 -1.59
C GLU C 102 -11.49 3.02 -2.80
N ILE C 103 -11.65 1.71 -2.57
CA ILE C 103 -11.98 0.76 -3.68
C ILE C 103 -13.28 1.22 -4.35
N LEU C 104 -14.28 1.63 -3.54
CA LEU C 104 -15.59 2.08 -4.10
C LEU C 104 -15.40 3.33 -4.96
N ASN C 105 -14.46 4.21 -4.59
CA ASN C 105 -14.28 5.48 -5.35
C ASN C 105 -13.75 5.19 -6.75
N TYR C 106 -13.46 3.92 -7.07
CA TYR C 106 -13.01 3.54 -8.43
C TYR C 106 -14.19 3.08 -9.28
N TYR C 107 -15.41 3.00 -8.72
CA TYR C 107 -16.56 2.45 -9.47
C TYR C 107 -17.79 3.35 -9.31
N THR C 108 -18.82 3.16 -10.14
CA THR C 108 -20.00 4.01 -10.09
C THR C 108 -21.17 3.31 -9.41
N HIS C 109 -21.45 2.07 -9.75
CA HIS C 109 -22.54 1.31 -9.18
C HIS C 109 -21.99 0.24 -8.26
N TRP C 110 -22.72 -0.04 -7.18
CA TRP C 110 -22.30 -1.06 -6.23
C TRP C 110 -23.47 -1.46 -5.36
N SER C 111 -23.57 -2.76 -5.06
CA SER C 111 -24.67 -3.27 -4.25
C SER C 111 -24.12 -4.37 -3.36
N GLY C 112 -24.40 -4.26 -2.05
CA GLY C 112 -23.94 -5.29 -1.09
C GLY C 112 -24.07 -4.84 0.35
N SER C 113 -23.98 -5.79 1.29
CA SER C 113 -24.10 -5.49 2.74
C SER C 113 -22.84 -4.83 3.28
N ILE C 114 -22.97 -4.01 4.34
CA ILE C 114 -21.80 -3.39 5.00
C ILE C 114 -21.75 -3.94 6.43
N LYS C 115 -20.58 -4.36 6.90
CA LYS C 115 -20.44 -4.91 8.28
C LYS C 115 -19.64 -3.94 9.16
N LEU C 116 -20.18 -3.55 10.31
CA LEU C 116 -19.43 -2.67 11.24
C LEU C 116 -19.06 -3.49 12.48
N THR C 117 -17.97 -3.15 13.16
CA THR C 117 -17.50 -3.86 14.35
C THR C 117 -16.88 -2.87 15.32
N PHE C 118 -17.43 -2.79 16.52
CA PHE C 118 -16.98 -1.86 17.54
C PHE C 118 -16.22 -2.63 18.60
N MET C 119 -15.07 -2.12 18.99
CA MET C 119 -14.21 -2.77 19.98
C MET C 119 -14.00 -1.82 21.14
N PHE C 120 -14.61 -2.14 22.28
CA PHE C 120 -14.42 -1.33 23.47
C PHE C 120 -13.01 -1.51 24.01
N CYS C 121 -12.27 -0.41 24.06
CA CYS C 121 -10.86 -0.38 24.54
C CYS C 121 -10.82 0.35 25.88
N GLY C 122 -11.31 -0.31 26.93
CA GLY C 122 -11.37 0.25 28.29
C GLY C 122 -10.85 -0.73 29.32
N SER C 123 -10.70 -0.28 30.56
CA SER C 123 -10.21 -1.14 31.67
C SER C 123 -11.16 -2.31 31.88
N ALA C 124 -10.63 -3.46 32.31
CA ALA C 124 -11.45 -4.68 32.49
C ALA C 124 -12.58 -4.43 33.51
N MET C 125 -12.30 -3.69 34.58
CA MET C 125 -13.32 -3.40 35.63
C MET C 125 -14.49 -2.61 35.02
N ALA C 126 -14.20 -1.64 34.15
CA ALA C 126 -15.25 -0.79 33.52
C ALA C 126 -16.40 -1.63 32.97
N THR C 127 -17.64 -1.24 33.30
CA THR C 127 -18.87 -1.92 32.93
C THR C 127 -19.90 -0.87 32.50
N GLY C 128 -20.84 -1.30 31.66
CA GLY C 128 -21.90 -0.39 31.22
C GLY C 128 -22.72 -1.02 30.12
N LYS C 129 -23.59 -0.23 29.49
CA LYS C 129 -24.48 -0.68 28.39
C LYS C 129 -24.58 0.43 27.34
N PHE C 130 -24.77 0.05 26.07
CA PHE C 130 -24.86 0.99 24.97
C PHE C 130 -26.01 0.58 24.06
N LEU C 131 -26.62 1.60 23.43
CA LEU C 131 -27.76 1.37 22.50
C LEU C 131 -27.30 1.69 21.08
N LEU C 132 -27.09 0.66 20.25
CA LEU C 132 -26.65 0.81 18.87
C LEU C 132 -27.87 0.70 17.96
N ALA C 133 -28.32 1.83 17.42
CA ALA C 133 -29.57 1.88 16.67
C ALA C 133 -29.28 2.31 15.24
N TYR C 134 -29.90 1.63 14.28
CA TYR C 134 -29.73 1.89 12.86
C TYR C 134 -31.08 2.24 12.25
N SER C 135 -31.17 3.51 11.82
CA SER C 135 -32.41 4.02 11.20
C SER C 135 -32.35 3.78 9.68
N PRO C 136 -33.38 3.16 9.04
CA PRO C 136 -33.34 2.89 7.60
C PRO C 136 -33.38 4.16 6.78
N PRO C 137 -33.16 4.08 5.45
CA PRO C 137 -32.92 5.29 4.66
C PRO C 137 -33.93 6.41 4.80
N GLY C 138 -35.21 6.13 4.55
CA GLY C 138 -36.19 7.19 4.48
C GLY C 138 -36.30 8.03 5.74
N ALA C 139 -36.02 7.44 6.90
CA ALA C 139 -36.18 8.15 8.17
C ALA C 139 -34.90 8.89 8.53
N GLY C 140 -35.05 10.07 9.12
CA GLY C 140 -33.91 10.80 9.61
C GLY C 140 -33.37 10.22 10.90
N ALA C 141 -32.24 10.75 11.33
CA ALA C 141 -31.61 10.26 12.54
C ALA C 141 -32.51 10.51 13.74
N PRO C 142 -32.61 9.56 14.66
CA PRO C 142 -33.44 9.78 15.86
C PRO C 142 -32.90 10.89 16.75
N THR C 143 -33.77 11.48 17.57
CA THR C 143 -33.36 12.60 18.41
C THR C 143 -33.16 12.16 19.86
N LYS C 144 -34.07 11.36 20.39
CA LYS C 144 -34.03 10.92 21.77
C LYS C 144 -33.69 9.43 21.81
N ARG C 145 -33.48 8.92 23.03
CA ARG C 145 -33.08 7.53 23.17
C ARG C 145 -34.24 6.60 22.86
N VAL C 146 -35.45 7.00 23.28
CA VAL C 146 -36.68 6.19 23.08
C VAL C 146 -36.88 5.95 21.58
N ASP C 147 -36.78 7.02 20.78
CA ASP C 147 -36.97 6.92 19.34
C ASP C 147 -35.94 6.02 18.70
N ALA C 148 -34.72 6.01 19.24
CA ALA C 148 -33.70 5.10 18.72
C ALA C 148 -33.96 3.68 19.15
N MET C 149 -34.55 3.48 20.32
CA MET C 149 -34.88 2.14 20.77
C MET C 149 -35.99 1.54 19.93
N LEU C 150 -36.98 2.34 19.56
CA LEU C 150 -38.13 1.78 18.85
C LEU C 150 -37.81 1.34 17.44
N GLY C 151 -36.58 1.48 16.96
CA GLY C 151 -36.22 0.95 15.66
C GLY C 151 -35.33 -0.26 15.81
N THR C 152 -34.51 -0.55 14.80
CA THR C 152 -33.56 -1.65 14.91
C THR C 152 -32.48 -1.24 15.88
N HIS C 153 -32.21 -2.08 16.88
CA HIS C 153 -31.26 -1.72 17.92
C HIS C 153 -30.56 -2.97 18.43
N VAL C 154 -29.41 -2.75 19.08
CA VAL C 154 -28.63 -3.80 19.70
C VAL C 154 -28.12 -3.24 21.03
N VAL C 155 -28.57 -3.82 22.14
CA VAL C 155 -28.09 -3.37 23.44
C VAL C 155 -26.79 -4.08 23.75
N TRP C 156 -25.69 -3.35 23.72
CA TRP C 156 -24.34 -3.90 23.83
C TRP C 156 -23.86 -3.71 25.26
N ASP C 157 -23.54 -4.83 25.93
CA ASP C 157 -23.07 -4.81 27.33
C ASP C 157 -21.54 -5.01 27.34
N VAL C 158 -20.78 -3.94 27.64
CA VAL C 158 -19.30 -4.03 27.58
C VAL C 158 -18.78 -5.02 28.65
N GLY C 159 -19.43 -5.10 29.81
CA GLY C 159 -18.92 -5.99 30.87
C GLY C 159 -18.77 -7.42 30.41
N LEU C 160 -19.73 -7.94 29.63
CA LEU C 160 -19.65 -9.35 29.14
C LEU C 160 -18.87 -9.39 27.82
N GLN C 161 -19.49 -8.94 26.74
CA GLN C 161 -18.89 -8.91 25.38
C GLN C 161 -18.05 -7.65 25.19
N SER C 162 -16.87 -7.79 24.58
CA SER C 162 -15.98 -6.65 24.36
C SER C 162 -16.03 -6.13 22.94
N SER C 163 -16.61 -6.88 22.01
CA SER C 163 -16.69 -6.50 20.61
C SER C 163 -18.05 -6.87 20.07
N CYS C 164 -18.71 -5.90 19.41
CA CYS C 164 -20.06 -6.06 18.84
C CYS C 164 -19.99 -5.93 17.32
N VAL C 165 -20.76 -6.75 16.60
CA VAL C 165 -20.76 -6.75 15.14
C VAL C 165 -22.15 -6.40 14.65
N LEU C 166 -22.23 -5.49 13.69
CA LEU C 166 -23.49 -5.07 13.09
C LEU C 166 -23.43 -5.29 11.59
N CYS C 167 -24.35 -6.11 11.07
CA CYS C 167 -24.47 -6.33 9.63
C CYS C 167 -25.66 -5.53 9.12
N ILE C 168 -25.35 -4.62 8.18
CA ILE C 168 -26.38 -3.66 7.68
C ILE C 168 -26.82 -4.00 6.26
N PRO C 169 -28.13 -4.24 5.97
CA PRO C 169 -28.59 -4.44 4.60
C PRO C 169 -28.76 -3.13 3.86
N TRP C 170 -28.93 -3.24 2.53
CA TRP C 170 -29.12 -2.06 1.64
C TRP C 170 -28.01 -1.03 1.90
N GLY C 187 -28.98 7.07 2.21
CA GLY C 187 -28.49 6.01 3.09
C GLY C 187 -28.93 6.21 4.52
N GLY C 188 -28.83 5.16 5.32
CA GLY C 188 -29.31 5.22 6.69
C GLY C 188 -28.40 6.01 7.61
N PHE C 189 -28.58 5.78 8.90
CA PHE C 189 -27.79 6.42 9.95
C PHE C 189 -27.40 5.38 10.99
N ILE C 190 -26.30 5.63 11.69
CA ILE C 190 -25.87 4.81 12.81
C ILE C 190 -25.65 5.73 14.00
N THR C 191 -26.34 5.42 15.12
CA THR C 191 -26.26 6.28 16.32
C THR C 191 -25.96 5.41 17.55
N CYS C 192 -25.10 5.88 18.44
CA CYS C 192 -24.79 5.13 19.69
C CYS C 192 -25.21 5.99 20.89
N TRP C 193 -25.85 5.37 21.89
CA TRP C 193 -26.35 6.13 23.06
C TRP C 193 -25.84 5.46 24.34
N TYR C 194 -25.74 6.20 25.43
CA TYR C 194 -25.30 5.63 26.74
C TYR C 194 -26.53 5.05 27.45
N GLN C 195 -26.75 3.73 27.35
CA GLN C 195 -27.89 3.14 28.12
C GLN C 195 -27.62 3.36 29.60
N THR C 196 -26.36 3.16 30.03
CA THR C 196 -25.97 3.40 31.45
C THR C 196 -24.57 4.01 31.47
N ASN C 197 -24.25 4.84 32.47
CA ASN C 197 -22.87 5.38 32.60
C ASN C 197 -21.87 4.28 32.98
N ILE C 198 -20.59 4.53 32.69
CA ILE C 198 -19.55 3.55 32.97
C ILE C 198 -19.31 3.47 34.47
N VAL C 199 -19.30 2.26 35.01
CA VAL C 199 -19.12 2.02 36.43
C VAL C 199 -17.77 1.38 36.64
N VAL C 200 -16.93 2.00 37.48
CA VAL C 200 -15.53 1.51 37.70
C VAL C 200 -15.25 1.45 39.19
N PRO C 201 -14.55 0.42 39.72
CA PRO C 201 -14.13 0.39 41.10
C PRO C 201 -12.97 1.39 41.26
N ALA C 202 -12.64 1.75 42.50
CA ALA C 202 -11.60 2.78 42.72
C ALA C 202 -10.26 2.32 42.15
N ASP C 203 -9.44 3.25 41.68
CA ASP C 203 -8.11 2.93 41.08
C ASP C 203 -8.26 2.53 39.61
N ALA C 204 -9.43 2.72 39.02
CA ALA C 204 -9.61 2.43 37.58
C ALA C 204 -10.13 3.69 36.88
N GLN C 205 -9.54 4.06 35.74
CA GLN C 205 -9.95 5.29 35.01
C GLN C 205 -11.36 5.09 34.43
N SER C 206 -12.15 6.17 34.39
CA SER C 206 -13.55 6.08 33.89
C SER C 206 -13.65 6.63 32.47
N SER C 207 -12.57 7.22 31.94
CA SER C 207 -12.60 7.71 30.57
C SER C 207 -11.98 6.66 29.66
N CYS C 208 -12.80 6.09 28.78
CA CYS C 208 -12.41 5.00 27.91
C CYS C 208 -12.50 5.46 26.46
N TYR C 209 -12.35 4.54 25.52
CA TYR C 209 -12.47 4.87 24.10
C TYR C 209 -13.06 3.69 23.36
N ILE C 210 -13.61 3.97 22.19
CA ILE C 210 -14.21 2.95 21.33
C ILE C 210 -13.63 3.11 19.93
N MET C 211 -13.35 1.98 19.28
CA MET C 211 -12.87 1.97 17.92
C MET C 211 -13.87 1.24 17.04
N CYS C 212 -13.89 1.59 15.76
CA CYS C 212 -14.89 1.08 14.83
C CYS C 212 -14.24 0.66 13.52
N PHE C 213 -14.44 -0.61 13.18
CA PHE C 213 -13.89 -1.16 11.92
C PHE C 213 -15.05 -1.32 10.92
N VAL C 214 -14.76 -1.18 9.64
CA VAL C 214 -15.76 -1.31 8.58
C VAL C 214 -15.24 -2.36 7.59
N SER C 215 -16.16 -3.11 6.98
CA SER C 215 -15.76 -4.20 6.04
C SER C 215 -16.93 -4.57 5.15
N ALA C 216 -16.67 -5.01 3.91
CA ALA C 216 -17.76 -5.48 3.04
C ALA C 216 -18.25 -6.84 3.55
N CYS C 217 -19.52 -7.17 3.33
CA CYS C 217 -20.07 -8.43 3.89
C CYS C 217 -20.92 -9.14 2.83
N ASN C 218 -20.92 -10.47 2.84
CA ASN C 218 -21.79 -11.26 1.92
C ASN C 218 -21.53 -10.83 0.47
N ASP C 219 -22.60 -10.63 -0.31
CA ASP C 219 -22.45 -10.27 -1.74
C ASP C 219 -21.92 -8.84 -1.85
N PHE C 220 -20.94 -8.61 -2.73
CA PHE C 220 -20.46 -7.22 -2.97
C PHE C 220 -20.00 -7.12 -4.42
N SER C 221 -20.71 -6.32 -5.22
CA SER C 221 -20.38 -6.16 -6.67
C SER C 221 -20.04 -4.70 -6.95
N VAL C 222 -19.17 -4.44 -7.93
CA VAL C 222 -18.82 -3.04 -8.32
C VAL C 222 -18.82 -2.95 -9.86
N ARG C 223 -19.50 -1.95 -10.42
CA ARG C 223 -19.62 -1.86 -11.91
C ARG C 223 -19.16 -0.48 -12.39
N LEU C 224 -18.85 -0.36 -13.69
CA LEU C 224 -18.43 0.94 -14.30
C LEU C 224 -17.19 1.52 -13.62
N LEU C 225 -16.00 1.09 -14.06
CA LEU C 225 -14.72 1.62 -13.49
C LEU C 225 -14.57 3.09 -13.88
N LYS C 226 -14.23 3.96 -12.92
CA LYS C 226 -14.04 5.41 -13.20
C LYS C 226 -12.71 5.85 -12.58
N ASP C 227 -12.33 7.12 -12.76
CA ASP C 227 -11.08 7.62 -12.11
C ASP C 227 -11.33 8.02 -10.65
N THR C 228 -10.32 7.87 -9.79
CA THR C 228 -10.43 8.29 -8.37
C THR C 228 -10.44 9.83 -8.29
N PRO C 229 -11.22 10.45 -7.39
CA PRO C 229 -11.21 11.90 -7.23
C PRO C 229 -10.18 12.45 -6.24
N PHE C 230 -9.24 11.61 -5.78
CA PHE C 230 -8.27 12.04 -4.78
C PHE C 230 -6.90 12.36 -5.38
N ILE C 231 -6.84 12.44 -6.72
CA ILE C 231 -5.55 12.74 -7.40
C ILE C 231 -5.50 14.25 -7.71
N SER C 232 -4.30 14.84 -7.72
CA SER C 232 -4.14 16.27 -7.99
C SER C 232 -2.85 16.56 -8.74
#